data_5I8E
#
_entry.id   5I8E
#
_cell.length_a   114.606
_cell.length_b   114.606
_cell.length_c   174.082
_cell.angle_alpha   90.000
_cell.angle_beta   90.000
_cell.angle_gamma   90.000
#
_symmetry.space_group_name_H-M   'I 4'
#
loop_
_entity.id
_entity.type
_entity.pdbx_description
1 polymer 'VRC34.01 Fab heavy chain'
2 polymer 'VRC34.01 Fab light chain'
3 non-polymer 'ZINC ION'
4 water water
#
loop_
_entity_poly.entity_id
_entity_poly.type
_entity_poly.pdbx_seq_one_letter_code
_entity_poly.pdbx_strand_id
1 'polypeptide(L)'
;QEVLVQSGAEVKKPGASVKVSCRAFGYTFTGNALHWVRQAPGQGLEWLGWINPHSGDTTTSQKFQGRVYMTRDKSINTAF
LDVTRLTSDDTGIYYCARDKYYGNEAVGMDVWGQGTSVTVSSASTKGPSVFPLAPSSKSTSGGTAALGCLVKDYFPEPVT
VSWNSGALTSGVHTFPAVLQSSGLYSLSSVVTVPSSSLGTQTYICNVNHKPSNTKVDKKVEP
;
A,C
2 'polypeptide(L)'
;IQLTQSPSFLSASVGDKVTITCRASQGVRNELAWYQQKPGKAPNLLIYYASTLQSGVPSRFSATGSGTHFTLTVSSLQPE
DFATYFCQHMSSYPLTFGGGTKVEIKRTVAAPSVFIFPPSDEQLKSGTASVVCLLNNFYPREAKVQWKVDNALQSGNSQE
SVTEQDSKDSTYSLSSTLTLSKADYEKHKVYACEVTHQGLSSPVTKSFNA
;
B,D
#
# COMPACT_ATOMS: atom_id res chain seq x y z
N GLU A 2 18.08 -32.64 -16.06
CA GLU A 2 18.13 -31.18 -15.98
C GLU A 2 17.25 -30.67 -14.84
N VAL A 3 17.91 -30.28 -13.74
CA VAL A 3 17.23 -30.09 -12.44
C VAL A 3 17.79 -28.87 -11.70
N LEU A 4 16.95 -28.17 -10.95
CA LEU A 4 17.37 -27.10 -10.05
C LEU A 4 16.99 -27.45 -8.62
N VAL A 5 17.96 -27.63 -7.75
CA VAL A 5 17.67 -28.01 -6.37
C VAL A 5 17.82 -26.83 -5.43
N GLN A 6 16.74 -26.40 -4.80
CA GLN A 6 16.84 -25.27 -3.90
C GLN A 6 17.03 -25.71 -2.46
N SER A 7 17.30 -24.75 -1.60
CA SER A 7 17.60 -25.05 -0.21
C SER A 7 16.30 -25.18 0.59
N GLY A 8 16.41 -25.46 1.90
CA GLY A 8 15.25 -25.78 2.71
C GLY A 8 14.47 -24.61 3.29
N ALA A 9 13.31 -24.91 3.87
CA ALA A 9 12.39 -23.89 4.37
C ALA A 9 12.99 -23.05 5.51
N GLU A 10 12.62 -21.78 5.51
CA GLU A 10 13.17 -20.79 6.42
C GLU A 10 12.08 -20.16 7.29
N VAL A 11 12.43 -19.88 8.54
CA VAL A 11 11.54 -19.15 9.43
C VAL A 11 12.29 -17.98 10.05
N LYS A 12 11.72 -16.79 9.95
CA LYS A 12 12.48 -15.61 10.25
C LYS A 12 11.65 -14.56 10.94
N LYS A 13 12.31 -13.79 11.79
CA LYS A 13 11.69 -12.69 12.48
C LYS A 13 11.66 -11.48 11.55
N PRO A 14 10.64 -10.62 11.70
CA PRO A 14 10.56 -9.37 10.93
C PRO A 14 11.78 -8.48 11.09
N GLY A 15 12.29 -7.96 9.98
CA GLY A 15 13.46 -7.11 10.02
C GLY A 15 14.74 -7.90 9.79
N ALA A 16 14.61 -9.22 9.72
CA ALA A 16 15.76 -10.10 9.45
C ALA A 16 16.06 -10.20 7.96
N SER A 17 17.00 -11.08 7.62
CA SER A 17 17.41 -11.30 6.23
C SER A 17 17.54 -12.80 5.97
N VAL A 18 17.25 -13.21 4.74
CA VAL A 18 17.30 -14.62 4.40
C VAL A 18 18.04 -14.80 3.08
N LYS A 19 18.87 -15.83 3.04
CA LYS A 19 19.59 -16.22 1.83
C LYS A 19 19.04 -17.55 1.40
N VAL A 20 18.55 -17.60 0.16
CA VAL A 20 18.05 -18.82 -0.47
C VAL A 20 19.01 -19.19 -1.60
N SER A 21 19.29 -20.48 -1.76
CA SER A 21 20.23 -20.95 -2.76
C SER A 21 19.58 -21.88 -3.78
N CYS A 22 20.17 -21.96 -4.96
CA CYS A 22 19.63 -22.77 -6.03
C CYS A 22 20.79 -23.45 -6.72
N ARG A 23 20.86 -24.77 -6.74
CA ARG A 23 21.98 -25.38 -7.41
C ARG A 23 21.52 -26.02 -8.69
N ALA A 24 22.29 -25.86 -9.75
CA ALA A 24 21.91 -26.42 -11.04
C ALA A 24 22.59 -27.78 -11.28
N PHE A 25 21.86 -28.71 -11.87
CA PHE A 25 22.35 -30.04 -12.20
C PHE A 25 21.95 -30.42 -13.64
N GLY A 26 22.84 -31.11 -14.34
CA GLY A 26 22.44 -31.76 -15.59
C GLY A 26 22.41 -30.91 -16.83
N TYR A 27 22.98 -29.71 -16.75
CA TYR A 27 23.06 -28.83 -17.91
C TYR A 27 24.12 -27.80 -17.53
N THR A 28 24.73 -27.12 -18.50
CA THR A 28 25.78 -26.19 -18.10
C THR A 28 25.18 -24.87 -17.64
N PHE A 29 25.45 -24.62 -16.36
CA PHE A 29 24.97 -23.50 -15.58
C PHE A 29 25.07 -22.13 -16.25
N THR A 30 26.17 -21.86 -16.94
CA THR A 30 26.41 -20.51 -17.43
C THR A 30 25.69 -20.25 -18.73
N GLY A 31 24.97 -21.25 -19.23
CA GLY A 31 24.27 -21.11 -20.48
C GLY A 31 22.90 -20.46 -20.46
N ASN A 32 22.32 -20.23 -19.28
CA ASN A 32 20.94 -19.76 -19.20
C ASN A 32 20.75 -18.80 -18.05
N ALA A 33 20.03 -17.73 -18.31
CA ALA A 33 19.63 -16.83 -17.24
C ALA A 33 18.75 -17.57 -16.22
N LEU A 34 18.70 -17.04 -15.00
CA LEU A 34 17.95 -17.60 -13.90
C LEU A 34 17.03 -16.54 -13.31
N HIS A 35 15.74 -16.78 -13.37
CA HIS A 35 14.78 -15.92 -12.68
C HIS A 35 14.57 -16.33 -11.22
N TRP A 36 14.22 -15.36 -10.39
CA TRP A 36 13.58 -15.68 -9.13
C TRP A 36 12.11 -15.19 -9.09
N VAL A 37 11.21 -16.08 -8.73
CA VAL A 37 9.79 -15.77 -8.72
C VAL A 37 9.16 -16.15 -7.36
N ARG A 38 8.29 -15.33 -6.79
CA ARG A 38 7.66 -15.80 -5.56
C ARG A 38 6.14 -15.89 -5.64
N GLN A 39 5.59 -16.79 -4.84
CA GLN A 39 4.16 -16.99 -4.69
C GLN A 39 3.76 -17.08 -3.23
N ALA A 40 3.02 -16.07 -2.76
CA ALA A 40 2.40 -16.12 -1.44
C ALA A 40 1.19 -17.07 -1.48
N PRO A 41 0.86 -17.70 -0.35
CA PRO A 41 -0.22 -18.71 -0.43
C PRO A 41 -1.55 -18.14 -0.91
N GLY A 42 -2.12 -18.82 -1.89
CA GLY A 42 -3.43 -18.45 -2.43
C GLY A 42 -3.32 -17.36 -3.47
N GLN A 43 -2.12 -16.87 -3.70
CA GLN A 43 -1.94 -15.77 -4.61
C GLN A 43 -1.16 -16.22 -5.83
N GLY A 44 -0.96 -15.28 -6.76
CA GLY A 44 -0.29 -15.60 -8.00
C GLY A 44 1.20 -15.35 -7.98
N LEU A 45 1.79 -15.32 -9.18
CA LEU A 45 3.23 -15.22 -9.34
C LEU A 45 3.80 -13.79 -9.40
N GLU A 46 4.85 -13.51 -8.64
CA GLU A 46 5.54 -12.23 -8.71
C GLU A 46 6.98 -12.42 -9.13
N TRP A 47 7.40 -11.64 -10.10
CA TRP A 47 8.75 -11.73 -10.59
C TRP A 47 9.60 -10.81 -9.74
N LEU A 48 10.64 -11.37 -9.13
CA LEU A 48 11.60 -10.59 -8.35
C LEU A 48 12.76 -10.03 -9.16
N GLY A 49 13.21 -10.79 -10.15
CA GLY A 49 14.35 -10.41 -10.94
C GLY A 49 15.04 -11.61 -11.54
N TRP A 50 16.09 -11.38 -12.31
CA TRP A 50 16.79 -12.51 -12.91
C TRP A 50 18.27 -12.16 -12.96
N ILE A 51 19.09 -13.20 -13.09
CA ILE A 51 20.53 -13.08 -13.14
C ILE A 51 21.12 -13.87 -14.32
N ASN A 52 22.21 -13.38 -14.89
CA ASN A 52 22.96 -14.14 -15.89
C ASN A 52 24.13 -14.82 -15.21
N PRO A 53 24.11 -16.16 -15.12
CA PRO A 53 25.16 -16.83 -14.35
C PRO A 53 26.51 -16.77 -15.06
N HIS A 54 26.51 -16.50 -16.36
CA HIS A 54 27.76 -16.29 -17.06
C HIS A 54 28.35 -14.93 -16.70
N SER A 55 27.65 -13.86 -17.03
CA SER A 55 28.21 -12.52 -16.83
C SER A 55 28.12 -12.05 -15.38
N GLY A 56 27.14 -12.57 -14.64
CA GLY A 56 26.85 -12.08 -13.30
C GLY A 56 25.91 -10.88 -13.30
N ASP A 57 25.50 -10.45 -14.49
CA ASP A 57 24.47 -9.42 -14.66
C ASP A 57 23.16 -9.71 -13.91
N THR A 58 22.57 -8.66 -13.34
CA THR A 58 21.31 -8.83 -12.63
C THR A 58 20.35 -7.73 -13.03
N THR A 59 19.08 -8.09 -13.14
CA THR A 59 18.03 -7.07 -13.22
C THR A 59 17.07 -7.40 -12.10
N THR A 60 16.83 -6.43 -11.22
CA THR A 60 15.90 -6.61 -10.10
C THR A 60 14.67 -5.75 -10.39
N SER A 61 13.48 -6.32 -10.20
CA SER A 61 12.21 -5.58 -10.33
C SER A 61 12.23 -4.32 -9.42
N GLN A 62 11.82 -3.16 -9.95
CA GLN A 62 11.99 -1.91 -9.21
C GLN A 62 11.47 -1.94 -7.74
N LYS A 63 10.31 -2.55 -7.52
CA LYS A 63 9.70 -2.72 -6.17
C LYS A 63 10.67 -3.31 -5.13
N PHE A 64 11.54 -4.20 -5.58
CA PHE A 64 12.49 -4.88 -4.72
C PHE A 64 13.92 -4.37 -4.76
N GLN A 65 14.17 -3.31 -5.52
CA GLN A 65 15.53 -2.81 -5.72
C GLN A 65 16.08 -2.15 -4.48
N GLY A 66 17.26 -2.59 -4.05
CA GLY A 66 17.88 -2.08 -2.84
C GLY A 66 17.42 -2.82 -1.59
N ARG A 67 16.68 -3.91 -1.81
CA ARG A 67 16.22 -4.78 -0.75
C ARG A 67 16.65 -6.21 -1.10
N VAL A 68 16.33 -6.60 -2.33
CA VAL A 68 16.62 -7.93 -2.84
C VAL A 68 17.91 -7.96 -3.66
N TYR A 69 18.69 -9.03 -3.52
CA TYR A 69 19.95 -9.15 -4.24
C TYR A 69 20.18 -10.55 -4.75
N MET A 70 20.65 -10.69 -6.00
CA MET A 70 20.98 -12.00 -6.56
C MET A 70 22.48 -12.11 -6.83
N THR A 71 23.05 -13.25 -6.51
CA THR A 71 24.48 -13.46 -6.75
C THR A 71 24.63 -14.85 -7.27
N ARG A 72 25.84 -15.27 -7.59
CA ARG A 72 25.99 -16.57 -8.18
C ARG A 72 27.38 -17.03 -7.84
N ASP A 73 27.59 -18.34 -7.89
CA ASP A 73 28.89 -18.98 -7.72
C ASP A 73 29.04 -19.97 -8.85
N LYS A 74 29.98 -19.69 -9.74
CA LYS A 74 30.19 -20.56 -10.90
C LYS A 74 30.76 -21.87 -10.43
N SER A 75 31.65 -21.81 -9.44
CA SER A 75 32.32 -22.98 -8.86
C SER A 75 31.34 -24.10 -8.63
N ILE A 76 30.34 -23.81 -7.79
CA ILE A 76 29.32 -24.75 -7.37
C ILE A 76 28.01 -24.70 -8.17
N ASN A 77 28.00 -23.94 -9.26
CA ASN A 77 26.86 -23.92 -10.18
C ASN A 77 25.58 -23.51 -9.46
N THR A 78 25.73 -22.46 -8.64
CA THR A 78 24.69 -22.11 -7.69
C THR A 78 24.33 -20.62 -7.78
N ALA A 79 23.04 -20.33 -7.64
CA ALA A 79 22.52 -18.97 -7.60
C ALA A 79 22.00 -18.63 -6.19
N PHE A 80 22.14 -17.38 -5.82
CA PHE A 80 21.71 -16.92 -4.52
C PHE A 80 20.72 -15.80 -4.66
N LEU A 81 19.78 -15.80 -3.73
CA LEU A 81 18.79 -14.75 -3.56
C LEU A 81 18.83 -14.30 -2.10
N ASP A 82 19.06 -13.01 -1.89
CA ASP A 82 19.05 -12.46 -0.55
C ASP A 82 17.88 -11.50 -0.43
N VAL A 83 17.01 -11.77 0.53
CA VAL A 83 15.92 -10.85 0.81
C VAL A 83 16.17 -10.24 2.16
N THR A 84 16.14 -8.91 2.22
CA THR A 84 16.52 -8.23 3.44
C THR A 84 15.37 -7.37 3.92
N ARG A 85 15.47 -6.90 5.15
CA ARG A 85 14.42 -6.10 5.76
C ARG A 85 13.08 -6.80 5.62
N LEU A 86 13.04 -8.05 6.10
CA LEU A 86 11.88 -8.91 5.93
C LEU A 86 10.64 -8.40 6.63
N THR A 87 9.51 -8.68 6.01
CA THR A 87 8.21 -8.19 6.47
C THR A 87 7.21 -9.33 6.23
N SER A 88 6.08 -9.30 6.93
CA SER A 88 5.00 -10.27 6.74
C SER A 88 4.62 -10.47 5.28
N ASP A 89 4.75 -9.40 4.50
CA ASP A 89 4.44 -9.40 3.08
C ASP A 89 5.32 -10.38 2.31
N ASP A 90 6.45 -10.76 2.92
CA ASP A 90 7.41 -11.63 2.27
C ASP A 90 7.19 -13.10 2.54
N THR A 91 6.11 -13.44 3.23
CA THR A 91 5.80 -14.84 3.45
C THR A 91 5.34 -15.52 2.16
N GLY A 92 5.98 -16.63 1.81
CA GLY A 92 5.57 -17.37 0.63
C GLY A 92 6.64 -18.31 0.11
N ILE A 93 6.37 -18.97 -1.01
CA ILE A 93 7.35 -19.83 -1.63
C ILE A 93 8.16 -19.10 -2.72
N TYR A 94 9.48 -19.24 -2.67
CA TYR A 94 10.39 -18.60 -3.64
C TYR A 94 10.97 -19.67 -4.59
N TYR A 95 10.81 -19.47 -5.89
CA TYR A 95 11.30 -20.39 -6.91
C TYR A 95 12.46 -19.80 -7.70
N CYS A 96 13.44 -20.63 -8.03
CA CYS A 96 14.39 -20.28 -9.08
C CYS A 96 13.97 -21.03 -10.34
N ALA A 97 14.05 -20.35 -11.47
CA ALA A 97 13.63 -20.97 -12.71
C ALA A 97 14.53 -20.54 -13.84
N ARG A 98 14.93 -21.51 -14.63
CA ARG A 98 15.88 -21.30 -15.71
C ARG A 98 15.09 -20.82 -16.89
N ASP A 99 15.59 -19.78 -17.57
CA ASP A 99 15.01 -19.40 -18.84
C ASP A 99 15.54 -20.28 -19.95
N LYS A 100 14.69 -20.59 -20.93
CA LYS A 100 15.11 -21.26 -22.14
C LYS A 100 16.22 -20.42 -22.79
N TYR A 101 16.14 -19.11 -22.55
CA TYR A 101 17.02 -18.09 -23.06
C TYR A 101 17.33 -18.29 -24.54
N TYR A 102 16.31 -18.57 -25.34
CA TYR A 102 16.53 -18.60 -26.78
C TYR A 102 16.86 -17.21 -27.25
N GLY A 103 17.99 -17.08 -27.92
CA GLY A 103 18.38 -15.80 -28.49
C GLY A 103 18.91 -14.81 -27.48
N ASN A 104 19.34 -15.33 -26.33
CA ASN A 104 19.90 -14.53 -25.23
C ASN A 104 18.91 -13.52 -24.67
N GLU A 105 17.65 -13.94 -24.69
CA GLU A 105 16.52 -13.11 -24.37
C GLU A 105 15.61 -13.88 -23.39
N ALA A 106 14.81 -13.20 -22.58
CA ALA A 106 13.79 -13.94 -21.84
C ALA A 106 12.74 -14.39 -22.83
N VAL A 107 12.45 -15.68 -22.75
CA VAL A 107 11.67 -16.43 -23.70
C VAL A 107 10.58 -17.18 -22.91
N GLY A 108 11.01 -17.91 -21.89
CA GLY A 108 10.08 -18.52 -20.96
C GLY A 108 10.77 -19.37 -19.90
N MET A 109 10.06 -19.64 -18.81
CA MET A 109 10.68 -20.34 -17.71
C MET A 109 10.46 -21.85 -17.80
N ASP A 110 11.58 -22.50 -17.95
CA ASP A 110 11.83 -23.81 -18.49
C ASP A 110 11.90 -24.93 -17.39
N VAL A 111 12.94 -24.85 -16.58
CA VAL A 111 13.14 -25.72 -15.46
C VAL A 111 12.89 -24.92 -14.21
N TRP A 112 12.13 -25.48 -13.29
CA TRP A 112 11.79 -24.81 -12.06
C TRP A 112 12.40 -25.56 -10.89
N GLY A 113 12.69 -24.85 -9.81
CA GLY A 113 13.11 -25.49 -8.57
C GLY A 113 11.93 -26.12 -7.90
N GLN A 114 12.16 -26.78 -6.77
CA GLN A 114 11.04 -27.38 -6.06
C GLN A 114 10.41 -26.32 -5.18
N GLY A 115 11.09 -25.17 -5.08
CA GLY A 115 10.63 -24.06 -4.27
C GLY A 115 11.14 -24.07 -2.83
N THR A 116 11.25 -22.88 -2.25
CA THR A 116 11.66 -22.75 -0.86
C THR A 116 10.61 -21.98 -0.08
N SER A 117 10.05 -22.62 0.94
CA SER A 117 9.08 -21.95 1.78
C SER A 117 9.76 -20.97 2.72
N VAL A 118 9.27 -19.75 2.75
CA VAL A 118 9.79 -18.78 3.70
C VAL A 118 8.67 -18.19 4.52
N THR A 119 8.78 -18.33 5.83
CA THR A 119 7.78 -17.77 6.72
C THR A 119 8.38 -16.64 7.54
N VAL A 120 7.64 -15.54 7.64
CA VAL A 120 8.08 -14.39 8.41
C VAL A 120 7.01 -14.09 9.45
N SER A 121 7.36 -14.25 10.73
CA SER A 121 6.46 -13.89 11.81
C SER A 121 7.28 -13.65 13.06
N SER A 122 6.65 -13.00 14.04
CA SER A 122 7.23 -12.83 15.37
C SER A 122 7.16 -14.13 16.17
N ALA A 123 6.25 -15.01 15.75
CA ALA A 123 5.87 -16.20 16.52
C ALA A 123 7.00 -17.21 16.73
N SER A 124 6.85 -18.04 17.76
CA SER A 124 7.86 -19.03 18.11
C SER A 124 7.30 -20.44 17.92
N THR A 125 8.21 -21.41 17.73
CA THR A 125 7.81 -22.79 17.42
C THR A 125 6.96 -23.39 18.52
N LYS A 126 5.80 -23.89 18.13
CA LYS A 126 4.85 -24.46 19.07
C LYS A 126 4.14 -25.68 18.49
N GLY A 127 4.04 -26.73 19.28
CA GLY A 127 3.20 -27.85 18.92
C GLY A 127 1.71 -27.50 18.95
N PRO A 128 0.90 -28.24 18.19
CA PRO A 128 -0.54 -27.97 18.12
C PRO A 128 -1.33 -28.53 19.28
N SER A 129 -2.49 -27.95 19.55
CA SER A 129 -3.45 -28.55 20.44
C SER A 129 -4.52 -29.20 19.61
N VAL A 130 -4.64 -30.51 19.71
CA VAL A 130 -5.65 -31.24 18.96
C VAL A 130 -6.91 -31.44 19.79
N PHE A 131 -8.05 -31.02 19.27
CA PHE A 131 -9.30 -31.13 19.99
C PHE A 131 -10.27 -32.05 19.29
N PRO A 132 -11.08 -32.78 20.05
CA PRO A 132 -12.07 -33.62 19.40
C PRO A 132 -13.18 -32.77 18.81
N LEU A 133 -13.68 -33.18 17.67
CA LEU A 133 -14.93 -32.64 17.18
C LEU A 133 -15.94 -33.76 17.25
N ALA A 134 -16.84 -33.66 18.23
CA ALA A 134 -17.64 -34.78 18.67
C ALA A 134 -18.91 -34.92 17.84
N PRO A 135 -19.26 -36.18 17.48
CA PRO A 135 -20.48 -36.59 16.76
C PRO A 135 -21.78 -36.41 17.54
N SER A 136 -22.84 -35.95 16.87
CA SER A 136 -24.16 -35.79 17.49
C SER A 136 -25.30 -36.51 16.76
N SER A 137 -26.45 -36.57 17.43
CA SER A 137 -27.64 -37.31 16.99
C SER A 137 -27.33 -38.77 16.69
N LYS A 138 -27.04 -39.56 17.72
CA LYS A 138 -26.98 -39.08 19.11
C LYS A 138 -25.54 -39.01 19.59
N GLY A 143 -29.20 -41.06 11.19
CA GLY A 143 -29.07 -40.72 9.78
C GLY A 143 -27.63 -40.67 9.32
N THR A 144 -27.07 -39.46 9.25
CA THR A 144 -25.64 -39.35 8.95
C THR A 144 -25.03 -38.17 9.69
N ALA A 145 -23.77 -38.36 10.07
CA ALA A 145 -23.06 -37.46 10.97
C ALA A 145 -21.64 -37.22 10.49
N ALA A 146 -20.90 -36.42 11.25
CA ALA A 146 -19.56 -36.00 10.85
C ALA A 146 -18.64 -35.91 12.07
N LEU A 147 -17.39 -36.35 11.90
CA LEU A 147 -16.42 -36.41 12.98
C LEU A 147 -15.18 -35.62 12.62
N GLY A 148 -14.35 -35.28 13.60
CA GLY A 148 -13.07 -34.69 13.26
C GLY A 148 -12.09 -34.32 14.34
N CYS A 149 -11.02 -33.65 13.90
CA CYS A 149 -10.01 -33.07 14.76
C CYS A 149 -10.01 -31.57 14.54
N LEU A 150 -9.64 -30.82 15.55
CA LEU A 150 -9.39 -29.41 15.35
C LEU A 150 -7.96 -29.18 15.77
N VAL A 151 -7.09 -28.88 14.82
CA VAL A 151 -5.68 -28.75 15.13
C VAL A 151 -5.35 -27.29 15.27
N LYS A 152 -5.12 -26.85 16.49
CA LYS A 152 -5.14 -25.42 16.74
C LYS A 152 -3.80 -24.90 17.24
N ASP A 153 -3.53 -23.65 16.87
CA ASP A 153 -2.43 -22.85 17.39
C ASP A 153 -1.10 -23.57 17.41
N TYR A 154 -0.63 -23.89 16.21
CA TYR A 154 0.69 -24.44 16.05
C TYR A 154 1.48 -23.51 15.17
N PHE A 155 2.79 -23.50 15.37
CA PHE A 155 3.67 -22.77 14.50
C PHE A 155 4.98 -23.51 14.43
N PRO A 156 5.61 -23.51 13.25
CA PRO A 156 5.09 -23.02 11.97
C PRO A 156 4.46 -24.15 11.16
N GLU A 157 3.94 -23.84 9.99
CA GLU A 157 3.45 -24.85 9.07
C GLU A 157 4.60 -25.75 8.62
N PRO A 158 4.31 -26.97 8.15
CA PRO A 158 3.04 -27.71 8.11
C PRO A 158 2.83 -28.71 9.24
N VAL A 159 1.69 -29.39 9.16
CA VAL A 159 1.35 -30.54 9.97
C VAL A 159 0.79 -31.63 9.04
N THR A 160 0.73 -32.86 9.53
CA THR A 160 0.08 -33.92 8.76
C THR A 160 -1.09 -34.48 9.56
N VAL A 161 -2.19 -34.76 8.88
CA VAL A 161 -3.34 -35.34 9.55
C VAL A 161 -3.91 -36.55 8.80
N SER A 162 -3.94 -37.70 9.46
CA SER A 162 -4.54 -38.90 8.87
C SER A 162 -5.62 -39.54 9.76
N TRP A 163 -6.57 -40.23 9.13
CA TRP A 163 -7.67 -40.87 9.84
C TRP A 163 -7.60 -42.40 9.67
N ASN A 164 -7.78 -43.09 10.79
CA ASN A 164 -7.52 -44.53 10.97
C ASN A 164 -6.09 -44.92 10.58
N SER A 165 -5.20 -43.98 10.93
CA SER A 165 -3.78 -43.99 10.63
C SER A 165 -3.55 -44.36 9.19
N GLY A 166 -4.31 -43.70 8.33
CA GLY A 166 -4.20 -43.90 6.90
C GLY A 166 -5.14 -44.96 6.37
N ALA A 167 -5.87 -45.63 7.25
CA ALA A 167 -6.70 -46.74 6.79
C ALA A 167 -7.83 -46.35 5.84
N LEU A 168 -8.54 -45.24 6.07
CA LEU A 168 -9.56 -44.85 5.10
C LEU A 168 -9.36 -43.41 4.58
N THR A 169 -9.06 -43.29 3.29
CA THR A 169 -8.81 -41.98 2.70
C THR A 169 -9.99 -41.49 1.87
N SER A 170 -11.06 -42.27 1.82
CA SER A 170 -12.19 -41.99 0.92
C SER A 170 -13.14 -40.90 1.43
N GLY A 171 -13.30 -40.81 2.75
CA GLY A 171 -14.20 -39.84 3.34
C GLY A 171 -13.56 -38.56 3.88
N VAL A 172 -12.24 -38.54 3.93
CA VAL A 172 -11.51 -37.44 4.58
C VAL A 172 -11.46 -36.10 3.81
N HIS A 173 -11.74 -35.03 4.54
CA HIS A 173 -11.56 -33.67 4.05
C HIS A 173 -10.68 -32.92 5.05
N THR A 174 -9.46 -32.61 4.64
CA THR A 174 -8.52 -31.86 5.46
C THR A 174 -8.42 -30.42 4.95
N PHE A 175 -8.89 -29.48 5.76
CA PHE A 175 -8.94 -28.07 5.36
C PHE A 175 -7.59 -27.38 5.57
N PRO A 176 -7.20 -26.49 4.64
CA PRO A 176 -5.99 -25.70 4.78
C PRO A 176 -6.01 -24.91 6.09
N ALA A 177 -4.85 -24.63 6.64
CA ALA A 177 -4.82 -23.94 7.92
C ALA A 177 -5.13 -22.49 7.69
N VAL A 178 -5.22 -21.72 8.77
CA VAL A 178 -5.58 -20.33 8.70
C VAL A 178 -4.69 -19.57 9.64
N LEU A 179 -4.05 -18.52 9.15
CA LEU A 179 -3.19 -17.72 9.99
C LEU A 179 -4.09 -16.82 10.84
N GLN A 180 -4.04 -17.05 12.16
CA GLN A 180 -4.85 -16.33 13.13
C GLN A 180 -4.25 -15.01 13.54
N SER A 181 -5.10 -14.12 14.06
CA SER A 181 -4.67 -12.84 14.60
C SER A 181 -3.58 -13.01 15.67
N SER A 182 -3.63 -14.15 16.36
CA SER A 182 -2.61 -14.49 17.35
C SER A 182 -1.24 -14.71 16.70
N GLY A 183 -1.26 -15.03 15.41
CA GLY A 183 -0.03 -15.23 14.63
C GLY A 183 0.37 -16.68 14.48
N LEU A 184 -0.51 -17.58 14.90
CA LEU A 184 -0.29 -19.02 14.80
C LEU A 184 -1.39 -19.70 13.97
N TYR A 185 -1.08 -20.89 13.47
CA TYR A 185 -1.95 -21.53 12.51
C TYR A 185 -2.95 -22.45 13.16
N SER A 186 -4.15 -22.55 12.57
CA SER A 186 -5.11 -23.55 12.98
C SER A 186 -5.82 -24.10 11.75
N LEU A 187 -6.03 -25.42 11.73
CA LEU A 187 -6.85 -26.05 10.70
C LEU A 187 -7.83 -27.03 11.32
N SER A 188 -8.78 -27.48 10.51
CA SER A 188 -9.73 -28.51 10.94
C SER A 188 -9.57 -29.73 10.04
N SER A 189 -9.73 -30.93 10.61
CA SER A 189 -9.84 -32.13 9.78
C SER A 189 -11.17 -32.83 10.02
N VAL A 190 -11.83 -33.33 8.98
CA VAL A 190 -13.15 -33.95 9.13
C VAL A 190 -13.36 -35.20 8.28
N VAL A 191 -14.31 -36.04 8.71
CA VAL A 191 -14.74 -37.24 8.00
C VAL A 191 -16.26 -37.39 8.11
N THR A 192 -16.88 -37.95 7.08
CA THR A 192 -18.30 -38.28 7.12
C THR A 192 -18.51 -39.80 7.13
N VAL A 193 -19.40 -40.27 8.01
CA VAL A 193 -19.69 -41.69 8.18
C VAL A 193 -21.20 -41.89 8.46
N PRO A 194 -21.71 -43.12 8.22
CA PRO A 194 -23.10 -43.41 8.64
C PRO A 194 -23.22 -43.32 10.15
N SER A 195 -24.41 -43.03 10.65
CA SER A 195 -24.54 -42.66 12.07
C SER A 195 -24.89 -43.82 12.99
N SER A 196 -24.93 -45.04 12.47
CA SER A 196 -25.00 -46.23 13.30
C SER A 196 -23.60 -46.64 13.76
N SER A 197 -22.59 -46.19 13.04
CA SER A 197 -21.18 -46.54 13.29
C SER A 197 -20.52 -45.89 14.52
N LEU A 198 -21.21 -44.98 15.19
CA LEU A 198 -20.62 -44.24 16.30
C LEU A 198 -20.34 -45.07 17.55
N GLY A 199 -21.17 -46.07 17.82
CA GLY A 199 -20.95 -46.96 18.94
C GLY A 199 -19.92 -48.03 18.64
N THR A 200 -19.86 -48.44 17.38
CA THR A 200 -19.03 -49.56 16.96
C THR A 200 -17.54 -49.20 16.80
N GLN A 201 -17.23 -48.38 15.81
CA GLN A 201 -15.85 -48.17 15.38
C GLN A 201 -15.12 -47.09 16.17
N THR A 202 -13.85 -47.33 16.49
CA THR A 202 -13.05 -46.41 17.29
C THR A 202 -12.08 -45.60 16.43
N TYR A 203 -12.22 -44.28 16.49
CA TYR A 203 -11.63 -43.37 15.51
C TYR A 203 -10.35 -42.70 15.91
N ILE A 204 -9.39 -43.08 15.08
CA ILE A 204 -7.98 -42.78 15.12
C ILE A 204 -7.73 -41.31 14.81
N CYS A 205 -6.82 -40.56 15.45
CA CYS A 205 -6.44 -39.32 14.72
C CYS A 205 -4.94 -39.08 14.80
N ASN A 206 -4.25 -39.09 13.65
CA ASN A 206 -2.79 -38.88 13.66
C ASN A 206 -2.34 -37.53 13.15
N VAL A 207 -1.63 -36.79 13.99
CA VAL A 207 -1.17 -35.45 13.66
C VAL A 207 0.34 -35.31 13.87
N ASN A 208 1.06 -34.92 12.81
CA ASN A 208 2.51 -34.73 12.95
C ASN A 208 2.92 -33.29 12.67
N HIS A 209 3.46 -32.60 13.66
CA HIS A 209 4.05 -31.30 13.40
C HIS A 209 5.54 -31.45 13.63
N LYS A 210 6.30 -31.56 12.56
CA LYS A 210 7.73 -31.83 12.65
C LYS A 210 8.53 -30.64 13.19
N PRO A 211 8.19 -29.40 12.79
CA PRO A 211 8.87 -28.24 13.40
C PRO A 211 8.96 -28.25 14.93
N SER A 212 7.94 -28.71 15.64
CA SER A 212 7.99 -28.76 17.09
C SER A 212 8.41 -30.17 17.52
N ASN A 213 8.62 -31.01 16.51
CA ASN A 213 8.75 -32.47 16.64
C ASN A 213 7.71 -33.02 17.60
N THR A 214 6.47 -32.82 17.19
CA THR A 214 5.29 -33.20 17.96
C THR A 214 4.55 -34.27 17.15
N LYS A 215 4.42 -35.46 17.70
CA LYS A 215 3.56 -36.45 17.09
C LYS A 215 2.45 -36.77 18.09
N VAL A 216 1.22 -36.74 17.59
CA VAL A 216 0.03 -36.80 18.43
C VAL A 216 -1.00 -37.76 17.84
N ASP A 217 -1.49 -38.68 18.66
CA ASP A 217 -2.59 -39.53 18.23
C ASP A 217 -3.73 -39.30 19.22
N LYS A 218 -4.94 -39.09 18.72
CA LYS A 218 -6.08 -38.75 19.56
C LYS A 218 -7.38 -39.30 18.99
N LYS A 219 -8.30 -39.70 19.86
CA LYS A 219 -9.46 -40.44 19.37
C LYS A 219 -10.78 -39.71 19.61
N VAL A 220 -11.73 -39.86 18.70
CA VAL A 220 -12.99 -39.10 18.79
C VAL A 220 -14.24 -39.97 18.84
N GLU A 221 -14.92 -40.02 19.98
CA GLU A 221 -16.20 -40.71 20.04
C GLU A 221 -17.28 -39.79 20.64
N PRO A 222 -18.58 -40.18 20.55
CA PRO A 222 -19.61 -39.17 20.86
C PRO A 222 -19.76 -38.85 22.33
N ILE B 1 2.71 -1.18 -16.64
CA ILE B 1 2.41 -2.04 -17.79
C ILE B 1 1.63 -3.31 -17.34
N GLN B 2 0.31 -3.18 -17.25
CA GLN B 2 -0.49 -4.25 -16.66
C GLN B 2 -0.98 -5.30 -17.65
N LEU B 3 -0.83 -6.54 -17.23
CA LEU B 3 -1.42 -7.71 -17.86
C LEU B 3 -2.68 -8.15 -17.14
N THR B 4 -3.81 -8.07 -17.82
CA THR B 4 -5.09 -8.54 -17.31
C THR B 4 -5.46 -9.91 -17.89
N GLN B 5 -5.51 -10.93 -17.05
CA GLN B 5 -5.94 -12.25 -17.47
C GLN B 5 -7.47 -12.40 -17.28
N SER B 6 -8.19 -12.86 -18.31
CA SER B 6 -9.64 -13.07 -18.28
C SER B 6 -10.10 -14.39 -18.91
N PRO B 7 -11.06 -15.07 -18.29
CA PRO B 7 -11.68 -14.72 -17.00
C PRO B 7 -10.82 -15.17 -15.78
N SER B 8 -11.20 -14.81 -14.55
CA SER B 8 -10.43 -15.23 -13.38
C SER B 8 -10.71 -16.67 -13.03
N PHE B 9 -11.98 -17.03 -13.14
CA PHE B 9 -12.45 -18.38 -12.88
C PHE B 9 -13.28 -18.76 -14.07
N LEU B 10 -13.07 -19.99 -14.51
CA LEU B 10 -13.80 -20.57 -15.60
C LEU B 10 -14.27 -21.98 -15.22
N SER B 11 -15.49 -22.32 -15.60
CA SER B 11 -16.00 -23.64 -15.32
C SER B 11 -16.19 -24.39 -16.63
N ALA B 12 -15.67 -25.61 -16.67
CA ALA B 12 -15.72 -26.38 -17.91
C ALA B 12 -15.74 -27.89 -17.69
N SER B 13 -16.06 -28.61 -18.76
CA SER B 13 -16.15 -30.05 -18.76
C SER B 13 -15.17 -30.66 -19.74
N VAL B 14 -14.83 -31.91 -19.47
CA VAL B 14 -13.93 -32.66 -20.32
C VAL B 14 -14.45 -32.66 -21.75
N GLY B 15 -13.60 -32.29 -22.69
CA GLY B 15 -13.99 -32.29 -24.09
C GLY B 15 -14.42 -30.91 -24.54
N ASP B 16 -14.54 -29.99 -23.59
CA ASP B 16 -14.89 -28.64 -23.96
C ASP B 16 -13.69 -27.96 -24.63
N LYS B 17 -13.95 -27.33 -25.77
CA LYS B 17 -13.02 -26.38 -26.31
C LYS B 17 -13.12 -25.11 -25.47
N VAL B 18 -11.97 -24.53 -25.13
CA VAL B 18 -11.93 -23.46 -24.13
C VAL B 18 -10.86 -22.45 -24.51
N THR B 19 -11.16 -21.17 -24.30
CA THR B 19 -10.25 -20.10 -24.68
C THR B 19 -10.08 -19.16 -23.49
N ILE B 20 -8.82 -18.80 -23.21
CA ILE B 20 -8.39 -17.94 -22.12
C ILE B 20 -7.68 -16.69 -22.67
N THR B 21 -7.93 -15.54 -22.07
CA THR B 21 -7.43 -14.29 -22.59
C THR B 21 -6.41 -13.57 -21.69
N CYS B 22 -5.48 -12.87 -22.33
CA CYS B 22 -4.54 -12.01 -21.65
C CYS B 22 -4.48 -10.71 -22.41
N ARG B 23 -4.81 -9.59 -21.77
CA ARG B 23 -4.69 -8.29 -22.40
C ARG B 23 -3.49 -7.60 -21.79
N ALA B 24 -2.65 -6.98 -22.63
CA ALA B 24 -1.56 -6.11 -22.14
C ALA B 24 -2.00 -4.65 -22.33
N SER B 25 -1.70 -3.77 -21.39
CA SER B 25 -2.17 -2.38 -21.50
C SER B 25 -1.41 -1.56 -22.56
N GLN B 26 -0.39 -2.18 -23.14
CA GLN B 26 0.48 -1.59 -24.14
C GLN B 26 1.03 -2.75 -24.95
N GLY B 27 1.46 -2.49 -26.17
CA GLY B 27 2.06 -3.51 -27.00
C GLY B 27 3.24 -4.27 -26.40
N VAL B 28 3.18 -5.60 -26.48
CA VAL B 28 4.35 -6.43 -26.33
C VAL B 28 4.66 -7.05 -27.71
N ARG B 29 5.92 -7.23 -28.07
CA ARG B 29 6.18 -7.66 -29.44
C ARG B 29 6.33 -9.18 -29.41
N ASN B 30 5.19 -9.85 -29.43
CA ASN B 30 5.13 -11.29 -29.18
C ASN B 30 6.07 -11.80 -28.06
N GLU B 31 6.46 -10.97 -27.09
CA GLU B 31 7.28 -11.57 -26.05
C GLU B 31 6.34 -11.95 -24.91
N LEU B 32 5.81 -13.16 -25.00
CA LEU B 32 4.73 -13.58 -24.15
C LEU B 32 4.74 -15.09 -23.96
N ALA B 33 4.48 -15.55 -22.75
CA ALA B 33 4.57 -16.96 -22.39
C ALA B 33 3.36 -17.42 -21.63
N TRP B 34 3.01 -18.67 -21.77
CA TRP B 34 1.88 -19.21 -21.02
C TRP B 34 2.36 -20.36 -20.17
N TYR B 35 1.94 -20.34 -18.91
CA TYR B 35 2.23 -21.38 -17.93
C TYR B 35 1.01 -22.10 -17.38
N GLN B 36 1.21 -23.35 -17.02
CA GLN B 36 0.19 -24.11 -16.32
C GLN B 36 0.74 -24.44 -14.96
N GLN B 37 -0.10 -24.32 -13.93
CA GLN B 37 0.28 -24.69 -12.57
C GLN B 37 -0.83 -25.52 -11.90
N LYS B 38 -0.47 -26.73 -11.51
CA LYS B 38 -1.33 -27.56 -10.70
C LYS B 38 -0.97 -27.31 -9.23
N PRO B 39 -1.97 -27.32 -8.34
CA PRO B 39 -1.72 -26.97 -6.94
C PRO B 39 -0.68 -27.86 -6.26
N GLY B 40 0.19 -27.22 -5.51
CA GLY B 40 1.27 -27.90 -4.86
C GLY B 40 2.51 -27.99 -5.74
N LYS B 41 2.33 -27.92 -7.05
CA LYS B 41 3.50 -28.02 -7.92
C LYS B 41 3.95 -26.65 -8.39
N ALA B 42 5.09 -26.60 -9.06
CA ALA B 42 5.56 -25.38 -9.69
C ALA B 42 4.98 -25.26 -11.11
N PRO B 43 4.97 -24.06 -11.67
CA PRO B 43 4.42 -23.94 -13.03
C PRO B 43 5.21 -24.71 -14.12
N ASN B 44 4.55 -25.09 -15.20
CA ASN B 44 5.22 -25.53 -16.43
C ASN B 44 5.08 -24.53 -17.58
N LEU B 45 6.12 -24.42 -18.41
CA LEU B 45 5.99 -23.64 -19.61
C LEU B 45 5.11 -24.38 -20.62
N LEU B 46 4.16 -23.66 -21.21
CA LEU B 46 3.29 -24.17 -22.27
C LEU B 46 3.69 -23.50 -23.58
N ILE B 47 3.66 -22.17 -23.56
CA ILE B 47 3.88 -21.40 -24.79
C ILE B 47 4.94 -20.32 -24.66
N TYR B 48 5.77 -20.15 -25.68
CA TYR B 48 6.64 -18.98 -25.77
C TYR B 48 6.50 -18.30 -27.13
N TYR B 49 7.00 -17.07 -27.26
CA TYR B 49 6.92 -16.35 -28.56
C TYR B 49 5.47 -16.39 -29.07
N ALA B 50 4.60 -15.58 -28.49
CA ALA B 50 3.35 -16.03 -27.90
C ALA B 50 2.51 -17.10 -28.57
N SER B 51 2.83 -17.53 -29.79
CA SER B 51 2.16 -18.71 -30.39
C SER B 51 2.92 -20.07 -30.41
N THR B 52 4.16 -20.13 -29.93
CA THR B 52 4.92 -21.37 -30.13
C THR B 52 4.87 -22.37 -28.95
N LEU B 53 4.50 -23.63 -29.22
CA LEU B 53 4.43 -24.64 -28.13
C LEU B 53 5.80 -25.11 -27.63
N GLN B 54 5.96 -25.28 -26.31
CA GLN B 54 7.17 -25.94 -25.87
C GLN B 54 7.11 -27.43 -26.20
N SER B 55 8.28 -28.03 -26.39
CA SER B 55 8.44 -29.48 -26.52
C SER B 55 7.76 -30.22 -25.35
N GLY B 56 6.94 -31.21 -25.67
CA GLY B 56 6.27 -31.99 -24.64
C GLY B 56 4.85 -31.56 -24.35
N VAL B 57 4.43 -30.44 -24.92
CA VAL B 57 3.07 -29.98 -24.71
C VAL B 57 2.11 -30.49 -25.80
N PRO B 58 1.00 -31.12 -25.37
CA PRO B 58 -0.04 -31.66 -26.24
C PRO B 58 -0.62 -30.64 -27.22
N SER B 59 -0.80 -31.13 -28.43
CA SER B 59 -1.32 -30.34 -29.53
C SER B 59 -2.67 -29.69 -29.25
N ARG B 60 -3.41 -30.24 -28.28
CA ARG B 60 -4.71 -29.66 -27.99
C ARG B 60 -4.54 -28.23 -27.45
N PHE B 61 -3.33 -27.90 -26.96
CA PHE B 61 -2.99 -26.52 -26.59
C PHE B 61 -2.52 -25.72 -27.81
N SER B 62 -3.00 -24.48 -27.87
CA SER B 62 -2.76 -23.60 -29.02
C SER B 62 -2.74 -22.18 -28.49
N ALA B 63 -2.04 -21.28 -29.14
CA ALA B 63 -2.14 -19.91 -28.69
C ALA B 63 -1.89 -18.96 -29.81
N THR B 64 -2.44 -17.77 -29.67
CA THR B 64 -2.17 -16.76 -30.66
C THR B 64 -2.16 -15.42 -29.95
N GLY B 65 -1.55 -14.43 -30.57
CA GLY B 65 -1.69 -13.11 -30.04
C GLY B 65 -1.30 -12.10 -31.07
N SER B 66 -1.94 -10.95 -30.96
CA SER B 66 -1.67 -9.85 -31.83
C SER B 66 -1.67 -8.59 -30.98
N GLY B 67 -0.54 -7.90 -30.93
CA GLY B 67 -0.54 -6.61 -30.26
C GLY B 67 -0.74 -6.67 -28.75
N THR B 68 -1.88 -6.15 -28.31
CA THR B 68 -2.30 -6.24 -26.92
C THR B 68 -3.23 -7.40 -26.55
N HIS B 69 -3.65 -8.22 -27.52
CA HIS B 69 -4.55 -9.35 -27.18
C HIS B 69 -3.92 -10.72 -27.37
N PHE B 70 -3.98 -11.54 -26.34
CA PHE B 70 -3.42 -12.87 -26.44
C PHE B 70 -4.40 -13.90 -25.95
N THR B 71 -4.46 -15.05 -26.62
CA THR B 71 -5.40 -16.10 -26.25
C THR B 71 -4.68 -17.44 -26.19
N LEU B 72 -5.15 -18.28 -25.27
CA LEU B 72 -4.72 -19.66 -25.14
C LEU B 72 -5.95 -20.55 -25.32
N THR B 73 -5.85 -21.55 -26.16
CA THR B 73 -6.98 -22.40 -26.46
C THR B 73 -6.64 -23.85 -26.25
N VAL B 74 -7.54 -24.54 -25.57
CA VAL B 74 -7.53 -25.99 -25.49
C VAL B 74 -8.64 -26.56 -26.37
N SER B 75 -8.28 -27.34 -27.39
CA SER B 75 -9.28 -27.82 -28.33
C SER B 75 -10.25 -28.82 -27.68
N SER B 76 -9.73 -29.73 -26.85
CA SER B 76 -10.60 -30.51 -25.97
C SER B 76 -9.99 -30.65 -24.59
N LEU B 77 -10.66 -30.12 -23.58
CA LEU B 77 -10.13 -30.21 -22.23
C LEU B 77 -9.97 -31.65 -21.79
N GLN B 78 -8.81 -31.94 -21.22
CA GLN B 78 -8.55 -33.26 -20.68
C GLN B 78 -8.45 -33.15 -19.17
N PRO B 79 -8.74 -34.24 -18.45
CA PRO B 79 -8.74 -34.14 -16.99
C PRO B 79 -7.42 -33.55 -16.41
N GLU B 80 -6.29 -33.88 -17.02
CA GLU B 80 -4.98 -33.33 -16.66
C GLU B 80 -4.98 -31.79 -16.67
N ASP B 81 -5.84 -31.18 -17.48
CA ASP B 81 -5.80 -29.76 -17.81
C ASP B 81 -6.50 -28.79 -16.87
N PHE B 82 -7.14 -29.30 -15.82
CA PHE B 82 -7.80 -28.38 -14.89
C PHE B 82 -6.73 -27.98 -13.90
N ALA B 83 -6.38 -26.71 -13.96
CA ALA B 83 -5.28 -26.14 -13.22
C ALA B 83 -5.42 -24.64 -13.35
N THR B 84 -4.43 -23.90 -12.87
CA THR B 84 -4.44 -22.48 -13.11
C THR B 84 -3.48 -22.12 -14.26
N TYR B 85 -3.84 -21.14 -15.09
CA TYR B 85 -3.02 -20.74 -16.23
C TYR B 85 -2.60 -19.28 -16.13
N PHE B 86 -1.30 -19.05 -16.34
CA PHE B 86 -0.64 -17.75 -16.22
C PHE B 86 -0.07 -17.22 -17.51
N CYS B 87 -0.23 -15.93 -17.77
CA CYS B 87 0.57 -15.33 -18.87
C CYS B 87 1.72 -14.49 -18.29
N GLN B 88 2.79 -14.40 -19.06
CA GLN B 88 3.91 -13.59 -18.64
C GLN B 88 4.43 -12.82 -19.85
N HIS B 89 4.78 -11.56 -19.70
CA HIS B 89 5.37 -10.82 -20.80
C HIS B 89 6.86 -10.56 -20.57
N MET B 90 7.64 -10.66 -21.66
CA MET B 90 9.09 -10.41 -21.67
C MET B 90 9.44 -9.04 -22.28
N SER B 91 8.43 -8.23 -22.59
CA SER B 91 8.66 -7.02 -23.39
C SER B 91 9.68 -6.07 -22.78
N SER B 92 9.63 -5.94 -21.46
CA SER B 92 10.44 -4.93 -20.79
C SER B 92 10.32 -5.19 -19.31
N TYR B 93 10.97 -4.38 -18.51
CA TYR B 93 10.99 -4.65 -17.08
C TYR B 93 9.94 -3.88 -16.29
N PRO B 94 9.37 -4.54 -15.30
CA PRO B 94 9.65 -5.94 -14.93
C PRO B 94 8.94 -6.95 -15.82
N LEU B 95 9.46 -8.17 -15.87
CA LEU B 95 8.78 -9.20 -16.62
C LEU B 95 7.58 -9.62 -15.78
N THR B 96 6.37 -9.41 -16.28
CA THR B 96 5.20 -9.52 -15.41
C THR B 96 4.36 -10.74 -15.70
N PHE B 97 3.84 -11.35 -14.63
CA PHE B 97 2.91 -12.45 -14.74
C PHE B 97 1.53 -11.92 -14.64
N GLY B 98 0.61 -12.49 -15.41
CA GLY B 98 -0.81 -12.20 -15.26
C GLY B 98 -1.35 -12.68 -13.93
N GLY B 99 -2.56 -12.24 -13.58
CA GLY B 99 -3.17 -12.58 -12.31
C GLY B 99 -3.51 -14.04 -12.16
N GLY B 100 -3.69 -14.73 -13.28
CA GLY B 100 -4.12 -16.12 -13.31
C GLY B 100 -5.54 -16.31 -13.82
N THR B 101 -5.83 -17.52 -14.29
CA THR B 101 -7.18 -18.03 -14.62
C THR B 101 -7.29 -19.42 -14.02
N LYS B 102 -8.19 -19.64 -13.08
CA LYS B 102 -8.36 -21.01 -12.59
C LYS B 102 -9.46 -21.75 -13.38
N VAL B 103 -9.11 -22.91 -13.93
CA VAL B 103 -10.08 -23.69 -14.66
C VAL B 103 -10.55 -24.89 -13.82
N GLU B 104 -11.83 -24.87 -13.44
CA GLU B 104 -12.38 -25.88 -12.55
C GLU B 104 -13.35 -26.78 -13.29
N ILE B 105 -13.48 -28.02 -12.84
CA ILE B 105 -14.44 -28.93 -13.43
C ILE B 105 -15.85 -28.57 -13.04
N LYS B 106 -16.65 -28.37 -14.07
CA LYS B 106 -18.04 -27.97 -13.96
C LYS B 106 -18.88 -29.20 -13.69
N ARG B 107 -19.78 -29.10 -12.72
CA ARG B 107 -20.69 -30.19 -12.38
C ARG B 107 -22.12 -29.66 -12.11
N THR B 108 -23.04 -30.56 -11.77
CA THR B 108 -24.41 -30.15 -11.41
C THR B 108 -24.44 -29.54 -10.02
N VAL B 109 -25.36 -28.61 -9.79
CA VAL B 109 -25.51 -28.02 -8.47
C VAL B 109 -25.80 -29.10 -7.44
N ALA B 110 -25.10 -28.99 -6.31
CA ALA B 110 -25.28 -29.86 -5.16
C ALA B 110 -25.31 -29.03 -3.91
N ALA B 111 -26.31 -29.25 -3.06
CA ALA B 111 -26.41 -28.51 -1.82
C ALA B 111 -25.43 -29.06 -0.80
N PRO B 112 -24.93 -28.19 0.07
CA PRO B 112 -24.00 -28.66 1.11
C PRO B 112 -24.74 -29.42 2.22
N SER B 113 -24.03 -30.34 2.86
CA SER B 113 -24.48 -30.93 4.10
C SER B 113 -23.92 -30.09 5.25
N VAL B 114 -24.79 -29.47 6.03
CA VAL B 114 -24.33 -28.55 7.08
C VAL B 114 -24.19 -29.27 8.41
N PHE B 115 -23.12 -28.97 9.15
CA PHE B 115 -22.93 -29.52 10.50
C PHE B 115 -22.42 -28.44 11.44
N ILE B 116 -22.76 -28.54 12.71
CA ILE B 116 -22.21 -27.62 13.68
C ILE B 116 -21.59 -28.42 14.82
N PHE B 117 -20.37 -28.05 15.19
CA PHE B 117 -19.69 -28.65 16.30
C PHE B 117 -19.39 -27.60 17.36
N PRO B 118 -19.98 -27.77 18.55
CA PRO B 118 -19.69 -26.93 19.71
C PRO B 118 -18.29 -27.26 20.24
N PRO B 119 -17.69 -26.33 21.00
CA PRO B 119 -16.34 -26.55 21.52
C PRO B 119 -16.19 -27.81 22.36
N SER B 120 -14.95 -28.28 22.48
CA SER B 120 -14.63 -29.45 23.29
C SER B 120 -14.60 -29.08 24.77
N ASP B 121 -14.83 -30.07 25.62
CA ASP B 121 -14.70 -29.84 27.05
C ASP B 121 -13.23 -29.63 27.34
N GLU B 122 -12.39 -30.40 26.66
CA GLU B 122 -10.95 -30.31 26.81
C GLU B 122 -10.47 -28.93 26.37
N GLN B 123 -11.06 -28.43 25.29
CA GLN B 123 -10.76 -27.09 24.80
C GLN B 123 -11.23 -26.03 25.79
N LEU B 124 -12.34 -26.31 26.46
CA LEU B 124 -12.89 -25.42 27.46
C LEU B 124 -11.94 -25.32 28.66
N LYS B 125 -11.29 -26.43 28.98
CA LYS B 125 -10.35 -26.48 30.10
C LYS B 125 -9.06 -25.70 29.81
N SER B 126 -8.90 -25.25 28.57
CA SER B 126 -7.76 -24.43 28.20
C SER B 126 -8.10 -22.94 28.24
N GLY B 127 -9.35 -22.64 28.57
CA GLY B 127 -9.82 -21.26 28.70
C GLY B 127 -10.24 -20.60 27.40
N THR B 128 -10.47 -21.40 26.37
CA THR B 128 -10.85 -20.89 25.04
C THR B 128 -11.82 -21.82 24.31
N ALA B 129 -12.79 -21.22 23.61
CA ALA B 129 -13.85 -21.99 22.94
C ALA B 129 -14.04 -21.63 21.47
N SER B 130 -14.12 -22.64 20.61
CA SER B 130 -14.38 -22.42 19.18
C SER B 130 -15.52 -23.27 18.65
N VAL B 131 -16.41 -22.63 17.91
CA VAL B 131 -17.54 -23.32 17.31
C VAL B 131 -17.31 -23.45 15.82
N VAL B 132 -17.57 -24.64 15.29
CA VAL B 132 -17.25 -24.95 13.90
C VAL B 132 -18.49 -25.28 13.07
N CYS B 133 -18.52 -24.76 11.84
CA CYS B 133 -19.58 -25.05 10.90
C CYS B 133 -18.95 -25.75 9.72
N LEU B 134 -19.41 -26.97 9.42
CA LEU B 134 -18.88 -27.73 8.31
C LEU B 134 -19.88 -27.87 7.17
N LEU B 135 -19.50 -27.38 6.01
CA LEU B 135 -20.27 -27.54 4.79
C LEU B 135 -19.62 -28.64 3.95
N ASN B 136 -20.29 -29.79 3.85
CA ASN B 136 -19.71 -30.94 3.17
C ASN B 136 -20.29 -31.07 1.76
N ASN B 137 -19.38 -31.32 0.82
CA ASN B 137 -19.67 -31.64 -0.58
C ASN B 137 -20.76 -30.79 -1.25
N PHE B 138 -20.47 -29.53 -1.51
CA PHE B 138 -21.38 -28.70 -2.31
C PHE B 138 -20.78 -28.28 -3.65
N TYR B 139 -21.59 -27.54 -4.41
CA TYR B 139 -21.22 -26.95 -5.70
C TYR B 139 -22.38 -26.09 -6.18
N PRO B 140 -22.10 -24.89 -6.72
CA PRO B 140 -20.77 -24.30 -6.95
C PRO B 140 -20.12 -23.80 -5.66
N ARG B 141 -18.95 -23.19 -5.77
CA ARG B 141 -18.14 -22.95 -4.58
C ARG B 141 -18.56 -21.67 -3.85
N GLU B 142 -19.44 -20.87 -4.45
CA GLU B 142 -19.83 -19.66 -3.76
C GLU B 142 -20.95 -20.01 -2.80
N ALA B 143 -20.70 -19.69 -1.54
CA ALA B 143 -21.59 -20.04 -0.45
C ALA B 143 -21.34 -19.06 0.68
N LYS B 144 -22.32 -18.90 1.57
CA LYS B 144 -22.20 -17.94 2.66
C LYS B 144 -22.54 -18.54 4.02
N VAL B 145 -21.60 -18.42 4.95
CA VAL B 145 -21.79 -18.84 6.34
C VAL B 145 -21.89 -17.62 7.22
N GLN B 146 -22.97 -17.51 7.99
CA GLN B 146 -23.07 -16.38 8.89
C GLN B 146 -23.16 -16.82 10.34
N TRP B 147 -22.30 -16.26 11.19
CA TRP B 147 -22.35 -16.44 12.64
C TRP B 147 -22.93 -15.16 13.28
N LYS B 148 -23.96 -15.22 14.12
CA LYS B 148 -24.44 -14.12 15.02
C LYS B 148 -25.83 -14.42 15.61
N VAL B 149 -26.32 -13.54 16.49
CA VAL B 149 -27.65 -13.81 17.02
C VAL B 149 -28.73 -12.97 16.37
N GLY B 156 -19.84 -12.54 15.16
CA GLY B 156 -18.56 -12.44 15.86
C GLY B 156 -17.46 -12.71 14.87
N ASN B 157 -16.21 -12.59 15.27
CA ASN B 157 -15.22 -12.76 14.22
C ASN B 157 -14.78 -14.21 14.13
N SER B 158 -14.81 -14.63 12.87
CA SER B 158 -14.72 -15.99 12.41
C SER B 158 -13.74 -16.09 11.27
N GLN B 159 -13.28 -17.29 10.94
CA GLN B 159 -12.47 -17.49 9.75
C GLN B 159 -12.89 -18.77 9.02
N GLU B 160 -12.93 -18.70 7.70
CA GLU B 160 -13.33 -19.84 6.89
C GLU B 160 -12.15 -20.41 6.09
N SER B 161 -12.23 -21.70 5.78
CA SER B 161 -11.22 -22.37 4.98
C SER B 161 -11.89 -23.39 4.06
N VAL B 162 -11.49 -23.42 2.79
CA VAL B 162 -12.16 -24.29 1.80
C VAL B 162 -11.23 -25.39 1.31
N THR B 163 -11.80 -26.54 0.96
CA THR B 163 -11.00 -27.59 0.34
C THR B 163 -10.80 -27.35 -1.14
N GLU B 164 -10.07 -28.28 -1.71
CA GLU B 164 -9.79 -28.33 -3.13
C GLU B 164 -10.98 -28.99 -3.81
N GLN B 165 -10.93 -29.10 -5.13
CA GLN B 165 -11.99 -29.81 -5.83
C GLN B 165 -11.70 -31.33 -5.78
N ASP B 166 -12.72 -32.13 -5.46
CA ASP B 166 -12.52 -33.56 -5.24
C ASP B 166 -12.29 -34.24 -6.58
N SER B 167 -11.21 -35.01 -6.69
CA SER B 167 -10.87 -35.67 -7.95
C SER B 167 -11.94 -36.68 -8.31
N LYS B 168 -12.54 -37.24 -7.27
CA LYS B 168 -13.59 -38.23 -7.42
C LYS B 168 -14.93 -37.56 -7.72
N ASP B 169 -15.41 -36.72 -6.80
CA ASP B 169 -16.73 -36.09 -6.93
C ASP B 169 -16.80 -34.66 -7.54
N SER B 170 -15.68 -33.98 -7.69
CA SER B 170 -15.65 -32.61 -8.23
C SER B 170 -16.47 -31.60 -7.42
N THR B 171 -16.51 -31.75 -6.09
CA THR B 171 -17.17 -30.79 -5.21
C THR B 171 -16.21 -30.04 -4.28
N TYR B 172 -16.78 -29.15 -3.47
CA TYR B 172 -16.02 -28.35 -2.50
C TYR B 172 -16.51 -28.59 -1.07
N SER B 173 -15.67 -28.30 -0.07
CA SER B 173 -16.10 -28.30 1.33
C SER B 173 -15.55 -27.10 2.11
N LEU B 174 -16.29 -26.66 3.12
CA LEU B 174 -15.91 -25.47 3.87
C LEU B 174 -15.94 -25.70 5.38
N SER B 175 -14.88 -25.27 6.04
CA SER B 175 -14.81 -25.30 7.50
C SER B 175 -14.75 -23.86 8.00
N SER B 176 -15.82 -23.42 8.66
CA SER B 176 -15.83 -22.11 9.28
C SER B 176 -15.65 -22.24 10.77
N THR B 177 -14.83 -21.36 11.33
CA THR B 177 -14.56 -21.39 12.75
C THR B 177 -14.86 -20.03 13.36
N LEU B 178 -15.89 -19.99 14.19
CA LEU B 178 -16.16 -18.82 14.99
C LEU B 178 -15.42 -18.98 16.31
N THR B 179 -14.60 -17.98 16.63
CA THR B 179 -13.75 -18.08 17.81
C THR B 179 -13.95 -16.92 18.79
N LEU B 180 -14.49 -17.25 19.96
CA LEU B 180 -14.60 -16.33 21.09
C LEU B 180 -14.03 -16.96 22.37
N SER B 181 -12.96 -16.40 22.90
CA SER B 181 -12.49 -16.70 24.26
C SER B 181 -12.61 -15.34 24.86
N LYS B 182 -12.01 -14.39 24.15
CA LYS B 182 -12.05 -13.01 24.50
C LYS B 182 -13.51 -12.70 24.71
N ALA B 183 -13.86 -12.21 25.92
CA ALA B 183 -15.18 -11.68 26.17
C ALA B 183 -16.29 -12.65 25.78
N ASP B 184 -16.75 -13.53 26.69
CA ASP B 184 -17.90 -14.40 26.36
C ASP B 184 -18.84 -13.43 25.73
N TYR B 185 -19.17 -13.65 24.45
CA TYR B 185 -19.41 -12.48 23.62
C TYR B 185 -20.47 -11.65 24.28
N GLU B 186 -20.23 -10.35 24.17
CA GLU B 186 -21.01 -9.28 24.74
C GLU B 186 -22.48 -9.52 24.40
N LYS B 187 -22.65 -10.35 23.36
CA LYS B 187 -23.86 -11.13 23.04
C LYS B 187 -23.73 -12.63 23.43
N HIS B 188 -24.34 -13.12 24.52
CA HIS B 188 -24.00 -14.52 24.82
C HIS B 188 -25.09 -15.57 24.60
N LYS B 189 -26.32 -15.22 24.24
CA LYS B 189 -27.18 -16.36 24.00
C LYS B 189 -27.14 -16.81 22.54
N VAL B 190 -28.12 -17.61 22.12
CA VAL B 190 -27.87 -18.76 21.22
C VAL B 190 -27.00 -18.47 20.00
N TYR B 191 -26.00 -19.33 19.80
CA TYR B 191 -25.05 -19.19 18.71
C TYR B 191 -25.44 -20.14 17.57
N ALA B 192 -25.30 -19.66 16.34
CA ALA B 192 -25.78 -20.42 15.19
C ALA B 192 -25.07 -20.03 13.91
N CYS B 193 -25.22 -20.86 12.87
CA CYS B 193 -24.68 -20.51 11.56
C CYS B 193 -25.73 -20.71 10.46
N GLU B 194 -26.05 -19.61 9.79
CA GLU B 194 -26.96 -19.64 8.66
C GLU B 194 -26.18 -19.87 7.37
N VAL B 195 -26.60 -20.87 6.61
CA VAL B 195 -25.90 -21.26 5.41
C VAL B 195 -26.72 -20.94 4.16
N THR B 196 -26.14 -20.13 3.29
CA THR B 196 -26.76 -19.76 2.01
C THR B 196 -26.00 -20.33 0.82
N HIS B 197 -26.71 -21.05 -0.03
CA HIS B 197 -26.13 -21.69 -1.21
C HIS B 197 -27.28 -21.79 -2.21
N GLN B 198 -26.99 -21.83 -3.51
CA GLN B 198 -28.07 -21.72 -4.47
C GLN B 198 -28.61 -23.10 -4.81
N GLY B 199 -28.07 -24.11 -4.14
CA GLY B 199 -28.57 -25.46 -4.24
C GLY B 199 -29.62 -25.76 -3.19
N LEU B 200 -29.88 -24.78 -2.34
CA LEU B 200 -30.87 -24.95 -1.27
C LEU B 200 -32.12 -24.08 -1.44
N SER B 201 -33.26 -24.64 -1.03
CA SER B 201 -34.56 -23.97 -1.07
C SER B 201 -34.51 -22.58 -0.44
N SER B 202 -34.06 -22.55 0.81
CA SER B 202 -33.73 -21.32 1.49
C SER B 202 -32.68 -21.65 2.57
N PRO B 203 -32.12 -20.63 3.26
CA PRO B 203 -30.97 -20.88 4.14
C PRO B 203 -31.15 -22.00 5.15
N VAL B 204 -30.13 -22.85 5.30
CA VAL B 204 -30.21 -23.93 6.27
C VAL B 204 -29.54 -23.47 7.55
N THR B 205 -30.12 -23.82 8.69
CA THR B 205 -29.56 -23.41 9.97
C THR B 205 -29.34 -24.61 10.87
N LYS B 206 -28.25 -24.58 11.64
CA LYS B 206 -27.92 -25.63 12.59
C LYS B 206 -27.61 -25.01 13.97
N SER B 207 -27.98 -25.68 15.07
CA SER B 207 -27.68 -25.10 16.40
C SER B 207 -27.67 -26.06 17.59
N PHE B 208 -27.28 -25.51 18.75
CA PHE B 208 -27.34 -26.17 20.06
C PHE B 208 -27.23 -25.04 21.10
N ASN B 209 -27.73 -25.30 22.32
CA ASN B 209 -27.66 -24.37 23.44
C ASN B 209 -27.92 -22.91 23.07
N GLN C 1 -15.31 37.25 -14.99
CA GLN C 1 -14.82 36.31 -13.99
C GLN C 1 -15.10 34.83 -14.39
N GLU C 2 -14.06 34.13 -14.83
CA GLU C 2 -14.19 32.67 -15.02
C GLU C 2 -13.69 32.00 -13.75
N VAL C 3 -14.61 31.45 -12.97
CA VAL C 3 -14.29 31.11 -11.58
C VAL C 3 -14.95 29.82 -11.19
N LEU C 4 -14.28 29.02 -10.38
CA LEU C 4 -14.91 27.85 -9.80
C LEU C 4 -14.90 27.99 -8.30
N VAL C 5 -16.08 27.99 -7.70
CA VAL C 5 -16.17 28.14 -6.25
C VAL C 5 -16.47 26.82 -5.55
N GLN C 6 -15.55 26.35 -4.74
CA GLN C 6 -15.81 25.09 -4.05
C GLN C 6 -16.38 25.34 -2.67
N SER C 7 -16.80 24.26 -2.04
CA SER C 7 -17.43 24.28 -0.75
C SER C 7 -16.35 24.27 0.36
N GLY C 8 -16.78 24.31 1.61
CA GLY C 8 -15.87 24.51 2.74
C GLY C 8 -15.16 23.27 3.26
N ALA C 9 -14.24 23.48 4.19
CA ALA C 9 -13.43 22.38 4.74
C ALA C 9 -14.29 21.34 5.47
N GLU C 10 -13.86 20.10 5.36
CA GLU C 10 -14.58 18.97 5.91
C GLU C 10 -13.65 18.19 6.84
N VAL C 11 -14.22 17.69 7.92
CA VAL C 11 -13.53 16.80 8.84
C VAL C 11 -14.43 15.58 9.02
N LYS C 12 -13.85 14.39 8.93
CA LYS C 12 -14.65 13.18 8.86
C LYS C 12 -13.98 12.04 9.62
N LYS C 13 -14.78 11.15 10.18
CA LYS C 13 -14.24 9.94 10.79
C LYS C 13 -13.95 8.88 9.73
N PRO C 14 -12.98 7.99 10.00
CA PRO C 14 -12.68 6.89 9.07
C PRO C 14 -13.91 6.05 8.76
N GLY C 15 -14.13 5.72 7.48
CA GLY C 15 -15.25 4.91 7.06
C GLY C 15 -16.47 5.72 6.67
N ALA C 16 -16.40 7.02 6.91
CA ALA C 16 -17.48 7.94 6.58
C ALA C 16 -17.43 8.34 5.11
N SER C 17 -18.30 9.27 4.72
CA SER C 17 -18.39 9.73 3.34
C SER C 17 -18.51 11.24 3.27
N VAL C 18 -17.95 11.83 2.22
CA VAL C 18 -17.93 13.27 2.14
C VAL C 18 -18.41 13.72 0.77
N LYS C 19 -19.16 14.80 0.76
CA LYS C 19 -19.60 15.38 -0.49
C LYS C 19 -18.91 16.72 -0.60
N VAL C 20 -18.20 16.91 -1.70
CA VAL C 20 -17.57 18.17 -1.99
C VAL C 20 -18.30 18.78 -3.19
N SER C 21 -18.58 20.07 -3.15
CA SER C 21 -19.30 20.67 -4.26
C SER C 21 -18.48 21.78 -4.89
N CYS C 22 -18.75 22.00 -6.16
CA CYS C 22 -18.05 23.01 -6.94
C CYS C 22 -19.05 23.69 -7.85
N ARG C 23 -19.25 24.99 -7.69
CA ARG C 23 -20.18 25.67 -8.57
C ARG C 23 -19.42 26.53 -9.56
N ALA C 24 -19.87 26.54 -10.81
CA ALA C 24 -19.17 27.30 -11.84
C ALA C 24 -19.77 28.69 -12.05
N PHE C 25 -18.90 29.68 -12.21
CA PHE C 25 -19.33 31.04 -12.48
C PHE C 25 -18.59 31.63 -13.69
N GLY C 26 -19.33 32.40 -14.48
CA GLY C 26 -18.77 33.24 -15.54
C GLY C 26 -18.53 32.58 -16.88
N TYR C 27 -19.07 31.38 -17.04
CA TYR C 27 -18.92 30.63 -18.28
C TYR C 27 -20.01 29.56 -18.31
N THR C 28 -20.27 28.99 -19.49
CA THR C 28 -21.34 28.01 -19.60
C THR C 28 -20.89 26.64 -19.09
N PHE C 29 -21.54 26.23 -18.01
CA PHE C 29 -21.24 25.01 -17.26
C PHE C 29 -21.09 23.77 -18.16
N THR C 30 -21.98 23.63 -19.14
CA THR C 30 -22.03 22.42 -19.96
C THR C 30 -21.06 22.42 -21.12
N GLY C 31 -20.28 23.50 -21.24
CA GLY C 31 -19.32 23.58 -22.33
C GLY C 31 -17.94 22.91 -22.16
N ASN C 32 -17.62 22.45 -20.96
CA ASN C 32 -16.27 21.99 -20.62
C ASN C 32 -16.27 20.81 -19.64
N ALA C 33 -15.42 19.82 -19.86
CA ALA C 33 -15.25 18.73 -18.89
C ALA C 33 -14.71 19.25 -17.53
N LEU C 34 -14.93 18.49 -16.47
CA LEU C 34 -14.48 18.88 -15.15
C LEU C 34 -13.72 17.78 -14.44
N HIS C 35 -12.46 18.03 -14.19
CA HIS C 35 -11.60 17.13 -13.44
C HIS C 35 -11.74 17.32 -11.94
N TRP C 36 -11.52 16.23 -11.22
CA TRP C 36 -11.24 16.29 -9.81
C TRP C 36 -9.81 15.81 -9.51
N VAL C 37 -9.06 16.64 -8.80
CA VAL C 37 -7.67 16.39 -8.50
C VAL C 37 -7.35 16.59 -7.03
N ARG C 38 -6.61 15.70 -6.40
CA ARG C 38 -6.30 15.92 -5.00
C ARG C 38 -4.82 15.99 -4.71
N GLN C 39 -4.48 16.75 -3.68
CA GLN C 39 -3.11 16.87 -3.22
C GLN C 39 -3.04 16.65 -1.71
N ALA C 40 -2.44 15.55 -1.30
CA ALA C 40 -2.16 15.33 0.09
C ALA C 40 -1.03 16.27 0.50
N PRO C 41 -1.02 16.71 1.77
CA PRO C 41 -0.04 17.71 2.17
C PRO C 41 1.40 17.25 1.98
N GLY C 42 2.20 18.04 1.28
CA GLY C 42 3.59 17.73 1.07
C GLY C 42 3.80 16.83 -0.13
N GLN C 43 2.71 16.46 -0.77
CA GLN C 43 2.78 15.52 -1.88
C GLN C 43 2.38 16.18 -3.18
N GLY C 44 2.43 15.41 -4.28
CA GLY C 44 2.09 15.91 -5.59
C GLY C 44 0.63 15.65 -5.92
N LEU C 45 0.28 15.79 -7.19
CA LEU C 45 -1.09 15.71 -7.67
C LEU C 45 -1.58 14.31 -8.06
N GLU C 46 -2.80 13.97 -7.67
CA GLU C 46 -3.44 12.74 -8.10
C GLU C 46 -4.74 13.07 -8.81
N TRP C 47 -4.93 12.47 -9.98
CA TRP C 47 -6.13 12.66 -10.76
C TRP C 47 -7.18 11.67 -10.27
N LEU C 48 -8.34 12.16 -9.85
CA LEU C 48 -9.42 11.25 -9.47
C LEU C 48 -10.34 10.82 -10.62
N GLY C 49 -10.55 11.71 -11.56
CA GLY C 49 -11.47 11.44 -12.63
C GLY C 49 -12.05 12.73 -13.17
N TRP C 50 -12.92 12.64 -14.16
CA TRP C 50 -13.50 13.84 -14.72
C TRP C 50 -14.92 13.51 -15.20
N ILE C 51 -15.73 14.55 -15.33
CA ILE C 51 -17.13 14.44 -15.73
C ILE C 51 -17.49 15.43 -16.82
N ASN C 52 -18.42 15.05 -17.69
CA ASN C 52 -18.93 16.01 -18.65
C ASN C 52 -20.26 16.56 -18.17
N PRO C 53 -20.29 17.84 -17.79
CA PRO C 53 -21.49 18.37 -17.14
C PRO C 53 -22.64 18.47 -18.13
N HIS C 54 -22.35 18.47 -19.42
CA HIS C 54 -23.43 18.40 -20.39
C HIS C 54 -24.03 16.99 -20.37
N SER C 55 -23.26 15.97 -20.75
CA SER C 55 -23.84 14.63 -20.82
C SER C 55 -23.96 13.92 -19.47
N GLY C 56 -23.11 14.25 -18.50
CA GLY C 56 -23.07 13.50 -17.25
C GLY C 56 -22.19 12.24 -17.34
N ASP C 57 -21.59 12.01 -18.50
CA ASP C 57 -20.58 10.98 -18.64
C ASP C 57 -19.47 11.16 -17.59
N THR C 58 -18.96 10.05 -17.05
CA THR C 58 -17.86 10.10 -16.09
C THR C 58 -16.81 9.08 -16.39
N THR C 59 -15.55 9.47 -16.20
CA THR C 59 -14.46 8.50 -16.17
C THR C 59 -13.78 8.70 -14.84
N THR C 60 -13.73 7.66 -14.02
CA THR C 60 -13.02 7.75 -12.75
C THR C 60 -11.81 6.81 -12.83
N SER C 61 -10.67 7.28 -12.31
CA SER C 61 -9.44 6.50 -12.17
C SER C 61 -9.64 5.15 -11.46
N GLN C 62 -9.07 4.09 -12.06
CA GLN C 62 -9.33 2.69 -11.67
C GLN C 62 -9.20 2.47 -10.18
N LYS C 63 -8.18 3.08 -9.61
CA LYS C 63 -7.91 3.02 -8.19
C LYS C 63 -9.11 3.39 -7.31
N PHE C 64 -9.87 4.38 -7.75
CA PHE C 64 -10.98 4.94 -6.95
C PHE C 64 -12.36 4.44 -7.37
N GLN C 65 -12.40 3.53 -8.33
CA GLN C 65 -13.67 3.08 -8.86
C GLN C 65 -14.46 2.25 -7.86
N GLY C 66 -15.70 2.65 -7.64
CA GLY C 66 -16.54 1.95 -6.68
C GLY C 66 -16.30 2.51 -5.30
N ARG C 67 -15.56 3.63 -5.24
CA ARG C 67 -15.32 4.39 -4.01
C ARG C 67 -15.68 5.86 -4.23
N VAL C 68 -15.13 6.45 -5.28
CA VAL C 68 -15.35 7.85 -5.57
C VAL C 68 -16.45 8.02 -6.61
N TYR C 69 -17.27 9.06 -6.48
CA TYR C 69 -18.37 9.28 -7.41
C TYR C 69 -18.54 10.70 -7.82
N MET C 70 -18.74 10.92 -9.11
CA MET C 70 -19.02 12.26 -9.60
C MET C 70 -20.41 12.39 -10.20
N THR C 71 -21.05 13.49 -9.84
CA THR C 71 -22.37 13.82 -10.34
C THR C 71 -22.45 15.33 -10.58
N ARG C 72 -23.56 15.84 -11.09
CA ARG C 72 -23.65 17.24 -11.45
C ARG C 72 -25.10 17.66 -11.38
N ASP C 73 -25.31 18.97 -11.30
CA ASP C 73 -26.62 19.57 -11.32
C ASP C 73 -26.59 20.71 -12.31
N LYS C 74 -27.36 20.57 -13.39
CA LYS C 74 -27.35 21.58 -14.43
C LYS C 74 -28.00 22.86 -13.91
N SER C 75 -29.08 22.70 -13.13
CA SER C 75 -29.85 23.81 -12.52
C SER C 75 -28.97 24.88 -11.91
N ILE C 76 -28.19 24.46 -10.92
CA ILE C 76 -27.30 25.33 -10.16
C ILE C 76 -25.85 25.34 -10.66
N ASN C 77 -25.60 24.74 -11.82
CA ASN C 77 -24.28 24.80 -12.45
C ASN C 77 -23.20 24.23 -11.54
N THR C 78 -23.47 23.05 -10.98
CA THR C 78 -22.61 22.57 -9.92
C THR C 78 -22.17 21.12 -10.11
N ALA C 79 -20.92 20.82 -9.81
CA ALA C 79 -20.46 19.46 -9.87
C ALA C 79 -20.25 18.97 -8.44
N PHE C 80 -20.53 17.69 -8.22
CA PHE C 80 -20.37 17.07 -6.91
C PHE C 80 -19.41 15.90 -6.96
N LEU C 81 -18.64 15.80 -5.89
CA LEU C 81 -17.70 14.72 -5.69
C LEU C 81 -18.02 14.04 -4.39
N ASP C 82 -18.27 12.76 -4.41
CA ASP C 82 -18.52 12.03 -3.18
C ASP C 82 -17.42 11.02 -2.96
N VAL C 83 -16.79 11.08 -1.80
CA VAL C 83 -15.79 10.07 -1.46
C VAL C 83 -16.27 9.24 -0.28
N THR C 84 -16.23 7.93 -0.42
CA THR C 84 -16.80 7.04 0.59
C THR C 84 -15.74 6.09 1.16
N ARG C 85 -16.06 5.43 2.27
CA ARG C 85 -15.11 4.54 2.94
C ARG C 85 -13.78 5.25 3.15
N LEU C 86 -13.85 6.42 3.78
CA LEU C 86 -12.70 7.30 3.94
C LEU C 86 -11.60 6.69 4.80
N THR C 87 -10.38 7.12 4.54
CA THR C 87 -9.18 6.62 5.20
C THR C 87 -8.28 7.84 5.36
N SER C 88 -7.31 7.75 6.28
CA SER C 88 -6.23 8.73 6.43
C SER C 88 -5.56 9.08 5.08
N ASP C 89 -5.51 8.11 4.16
CA ASP C 89 -4.90 8.35 2.86
C ASP C 89 -5.67 9.42 2.09
N ASP C 90 -6.91 9.67 2.50
CA ASP C 90 -7.76 10.60 1.78
C ASP C 90 -7.74 12.01 2.31
N THR C 91 -6.86 12.25 3.28
CA THR C 91 -6.61 13.57 3.84
C THR C 91 -5.85 14.37 2.81
N GLY C 92 -6.36 15.53 2.48
CA GLY C 92 -5.68 16.39 1.52
C GLY C 92 -6.59 17.46 0.97
N ILE C 93 -6.08 18.23 0.02
CA ILE C 93 -6.89 19.25 -0.65
C ILE C 93 -7.45 18.72 -1.96
N TYR C 94 -8.74 18.90 -2.16
CA TYR C 94 -9.41 18.46 -3.37
C TYR C 94 -9.81 19.65 -4.24
N TYR C 95 -9.36 19.64 -5.50
CA TYR C 95 -9.66 20.70 -6.47
C TYR C 95 -10.64 20.20 -7.52
N CYS C 96 -11.58 21.06 -7.91
CA CYS C 96 -12.29 20.85 -9.16
C CYS C 96 -11.60 21.76 -10.15
N ALA C 97 -11.39 21.27 -11.36
CA ALA C 97 -10.65 22.04 -12.35
C ALA C 97 -11.21 21.86 -13.77
N ARG C 98 -11.38 22.97 -14.47
CA ARG C 98 -11.98 22.93 -15.79
C ARG C 98 -10.93 22.66 -16.88
N ASP C 99 -11.25 21.74 -17.78
CA ASP C 99 -10.42 21.53 -18.96
C ASP C 99 -10.75 22.59 -20.00
N LYS C 100 -9.76 23.03 -20.77
CA LYS C 100 -9.98 23.86 -21.92
C LYS C 100 -10.93 23.14 -22.90
N TYR C 101 -10.94 21.81 -22.84
CA TYR C 101 -11.65 20.87 -23.72
C TYR C 101 -11.65 21.29 -25.19
N TYR C 102 -10.50 21.69 -25.71
CA TYR C 102 -10.34 21.93 -27.13
C TYR C 102 -10.50 20.62 -27.89
N GLY C 103 -11.38 20.61 -28.87
CA GLY C 103 -11.57 19.42 -29.70
C GLY C 103 -12.36 18.38 -28.95
N ASN C 104 -13.04 18.81 -27.89
CA ASN C 104 -13.85 17.94 -27.04
C ASN C 104 -13.00 16.84 -26.41
N GLU C 105 -11.77 17.24 -26.12
CA GLU C 105 -10.69 16.39 -25.65
C GLU C 105 -10.03 16.99 -24.39
N ALA C 106 -9.41 16.16 -23.55
CA ALA C 106 -8.58 16.67 -22.46
C ALA C 106 -7.30 17.31 -23.01
N VAL C 107 -7.05 18.54 -22.59
CA VAL C 107 -6.02 19.43 -23.12
C VAL C 107 -5.21 19.99 -21.96
N GLY C 108 -5.89 20.58 -21.00
CA GLY C 108 -5.24 21.02 -19.79
C GLY C 108 -6.18 21.70 -18.82
N MET C 109 -5.77 21.78 -17.57
CA MET C 109 -6.69 22.30 -16.59
C MET C 109 -6.51 23.80 -16.45
N ASP C 110 -7.60 24.46 -16.79
CA ASP C 110 -7.69 25.86 -17.21
C ASP C 110 -8.03 26.81 -16.03
N VAL C 111 -9.23 26.64 -15.51
CA VAL C 111 -9.70 27.37 -14.35
C VAL C 111 -9.69 26.41 -13.15
N TRP C 112 -9.19 26.85 -12.01
CA TRP C 112 -9.19 25.97 -10.84
C TRP C 112 -10.05 26.53 -9.68
N GLY C 113 -10.60 25.63 -8.86
CA GLY C 113 -11.26 26.03 -7.62
C GLY C 113 -10.20 26.44 -6.60
N GLN C 114 -10.62 26.87 -5.41
CA GLN C 114 -9.67 27.27 -4.38
C GLN C 114 -9.18 26.05 -3.57
N GLY C 115 -9.79 24.91 -3.83
CA GLY C 115 -9.48 23.70 -3.11
C GLY C 115 -10.42 23.56 -1.93
N THR C 116 -10.62 22.32 -1.50
CA THR C 116 -11.39 21.97 -0.33
C THR C 116 -10.55 21.05 0.55
N SER C 117 -10.31 21.46 1.79
CA SER C 117 -9.57 20.60 2.71
C SER C 117 -10.47 19.48 3.19
N VAL C 118 -9.97 18.26 3.11
CA VAL C 118 -10.67 17.14 3.67
C VAL C 118 -9.72 16.48 4.63
N THR C 119 -10.16 16.36 5.87
CA THR C 119 -9.36 15.68 6.89
C THR C 119 -10.08 14.41 7.38
N VAL C 120 -9.34 13.32 7.48
CA VAL C 120 -9.89 12.07 7.97
C VAL C 120 -9.11 11.57 9.18
N SER C 121 -9.74 11.52 10.35
CA SER C 121 -9.08 10.97 11.53
C SER C 121 -10.05 10.54 12.61
N SER C 122 -9.56 9.68 13.51
CA SER C 122 -10.33 9.24 14.66
C SER C 122 -10.46 10.33 15.69
N ALA C 123 -9.52 11.27 15.67
CA ALA C 123 -9.41 12.26 16.73
C ALA C 123 -10.62 13.18 16.74
N SER C 124 -10.82 13.84 17.87
CA SER C 124 -11.96 14.71 18.05
C SER C 124 -11.44 16.16 18.22
N THR C 125 -12.31 17.13 17.94
CA THR C 125 -11.91 18.53 17.93
C THR C 125 -11.38 19.00 19.27
N LYS C 126 -10.17 19.54 19.26
CA LYS C 126 -9.53 20.00 20.48
C LYS C 126 -8.83 21.32 20.22
N GLY C 127 -9.09 22.31 21.08
CA GLY C 127 -8.40 23.57 21.03
C GLY C 127 -6.95 23.40 21.44
N PRO C 128 -6.09 24.30 20.97
CA PRO C 128 -4.65 24.17 21.22
C PRO C 128 -4.25 24.61 22.60
N SER C 129 -3.11 24.13 23.08
CA SER C 129 -2.46 24.68 24.26
C SER C 129 -1.32 25.55 23.77
N VAL C 130 -1.34 26.83 24.12
CA VAL C 130 -0.26 27.72 23.72
C VAL C 130 0.78 27.95 24.82
N PHE C 131 2.04 27.68 24.47
CA PHE C 131 3.15 27.77 25.42
C PHE C 131 4.16 28.82 24.98
N PRO C 132 4.80 29.49 25.97
CA PRO C 132 5.87 30.44 25.65
C PRO C 132 7.14 29.74 25.25
N LEU C 133 7.86 30.31 24.32
CA LEU C 133 9.23 29.93 24.08
C LEU C 133 10.05 31.15 24.44
N ALA C 134 10.65 31.08 25.63
CA ALA C 134 11.20 32.25 26.28
C ALA C 134 12.66 32.46 25.95
N PRO C 135 13.00 33.71 25.63
CA PRO C 135 14.39 34.18 25.50
C PRO C 135 15.05 34.21 26.89
N SER C 136 16.31 33.81 27.03
CA SER C 136 17.19 33.51 25.90
C SER C 136 17.65 32.05 25.95
N GLY C 143 23.69 42.61 19.16
CA GLY C 143 23.29 41.24 19.38
C GLY C 143 21.88 40.98 18.88
N THR C 144 21.50 39.71 18.85
CA THR C 144 20.12 39.37 18.52
C THR C 144 19.60 38.13 19.23
N ALA C 145 18.30 38.11 19.48
CA ALA C 145 17.66 37.07 20.29
C ALA C 145 16.39 36.55 19.63
N ALA C 146 15.84 35.46 20.14
CA ALA C 146 14.70 34.85 19.48
C ALA C 146 13.68 34.25 20.45
N LEU C 147 12.41 34.55 20.21
CA LEU C 147 11.34 34.08 21.09
C LEU C 147 10.23 33.43 20.25
N GLY C 148 9.30 32.73 20.89
CA GLY C 148 8.20 32.20 20.13
C GLY C 148 7.08 31.54 20.89
N CYS C 149 6.18 30.87 20.17
CA CYS C 149 5.12 30.09 20.78
C CYS C 149 5.19 28.63 20.36
N LEU C 150 4.73 27.75 21.24
CA LEU C 150 4.55 26.35 20.88
C LEU C 150 3.08 26.04 21.04
N VAL C 151 2.42 25.81 19.90
CA VAL C 151 0.98 25.60 19.80
C VAL C 151 0.77 24.09 19.66
N LYS C 152 0.26 23.48 20.71
CA LYS C 152 0.35 22.05 20.87
C LYS C 152 -1.01 21.38 20.95
N ASP C 153 -1.06 20.16 20.44
CA ASP C 153 -2.19 19.25 20.58
C ASP C 153 -3.55 19.85 20.27
N TYR C 154 -3.72 20.25 19.03
CA TYR C 154 -5.02 20.73 18.57
C TYR C 154 -5.52 19.90 17.39
N PHE C 155 -6.83 19.82 17.26
CA PHE C 155 -7.42 19.23 16.08
C PHE C 155 -8.76 19.90 15.74
N PRO C 156 -9.06 20.07 14.44
CA PRO C 156 -8.20 19.89 13.25
C PRO C 156 -7.50 21.18 12.80
N GLU C 157 -6.72 21.08 11.72
CA GLU C 157 -6.12 22.24 11.07
C GLU C 157 -7.19 23.16 10.50
N PRO C 158 -6.87 24.45 10.28
CA PRO C 158 -5.66 25.19 10.60
C PRO C 158 -5.74 25.97 11.91
N VAL C 159 -4.67 26.70 12.20
CA VAL C 159 -4.68 27.73 13.21
C VAL C 159 -4.01 28.93 12.58
N THR C 160 -4.20 30.10 13.17
CA THR C 160 -3.50 31.26 12.68
C THR C 160 -2.65 31.83 13.79
N VAL C 161 -1.46 32.29 13.44
CA VAL C 161 -0.56 32.88 14.41
C VAL C 161 -0.09 34.25 13.93
N SER C 162 -0.42 35.26 14.72
CA SER C 162 0.03 36.62 14.44
C SER C 162 0.75 37.11 15.66
N TRP C 163 1.68 38.04 15.49
CA TRP C 163 2.46 38.54 16.62
C TRP C 163 2.17 40.01 16.87
N ASN C 164 1.92 40.35 18.14
CA ASN C 164 1.53 41.70 18.53
C ASN C 164 0.31 42.13 17.71
N SER C 165 -0.58 41.17 17.47
CA SER C 165 -1.78 41.37 16.67
C SER C 165 -1.50 42.05 15.34
N GLY C 166 -0.49 41.55 14.63
CA GLY C 166 -0.19 42.01 13.28
C GLY C 166 0.77 43.18 13.23
N ALA C 167 1.05 43.77 14.39
CA ALA C 167 1.96 44.90 14.46
C ALA C 167 3.36 44.47 14.05
N LEU C 168 3.69 43.21 14.35
CA LEU C 168 5.03 42.73 14.10
C LEU C 168 5.06 41.64 13.05
N THR C 169 5.68 41.96 11.91
CA THR C 169 5.70 41.07 10.77
C THR C 169 7.07 40.47 10.56
N SER C 170 8.07 41.32 10.35
CA SER C 170 9.37 40.83 9.91
C SER C 170 10.13 40.10 11.01
N GLY C 171 10.82 39.05 10.59
CA GLY C 171 11.60 38.20 11.47
C GLY C 171 10.78 36.99 11.87
N VAL C 172 9.47 37.06 11.61
CA VAL C 172 8.53 36.02 12.03
C VAL C 172 8.64 34.82 11.11
N HIS C 173 8.79 33.64 11.70
CA HIS C 173 8.77 32.41 10.94
C HIS C 173 7.75 31.47 11.55
N THR C 174 6.66 31.21 10.84
CA THR C 174 5.69 30.25 11.35
C THR C 174 5.80 28.92 10.61
N PHE C 175 6.21 27.90 11.34
CA PHE C 175 6.46 26.58 10.79
C PHE C 175 5.17 25.76 10.59
N PRO C 176 5.13 24.95 9.53
CA PRO C 176 4.01 24.04 9.27
C PRO C 176 3.74 23.13 10.47
N ALA C 177 2.51 22.65 10.63
CA ALA C 177 2.20 21.83 11.77
C ALA C 177 2.73 20.44 11.55
N VAL C 178 2.61 19.59 12.56
CA VAL C 178 3.10 18.24 12.44
C VAL C 178 2.02 17.36 13.03
N LEU C 179 1.64 16.32 12.31
CA LEU C 179 0.64 15.40 12.84
C LEU C 179 1.36 14.50 13.83
N GLN C 180 0.97 14.58 15.10
CA GLN C 180 1.58 13.71 16.08
C GLN C 180 0.88 12.38 16.00
N SER C 181 1.57 11.32 16.42
CA SER C 181 1.02 9.97 16.46
C SER C 181 -0.28 9.91 17.24
N SER C 182 -0.43 10.83 18.19
CA SER C 182 -1.66 10.95 18.95
C SER C 182 -2.81 11.32 18.03
N GLY C 183 -2.47 11.91 16.88
CA GLY C 183 -3.50 12.27 15.93
C GLY C 183 -3.85 13.74 16.05
N LEU C 184 -3.04 14.47 16.81
CA LEU C 184 -3.25 15.91 16.96
C LEU C 184 -2.02 16.65 16.44
N TYR C 185 -2.24 17.90 16.02
CA TYR C 185 -1.23 18.69 15.34
C TYR C 185 -0.48 19.58 16.33
N SER C 186 0.79 19.86 16.03
CA SER C 186 1.56 20.86 16.79
C SER C 186 2.46 21.70 15.90
N LEU C 187 2.49 23.00 16.13
CA LEU C 187 3.46 23.86 15.43
C LEU C 187 4.14 24.85 16.36
N SER C 188 5.23 25.44 15.88
CA SER C 188 5.90 26.51 16.62
C SER C 188 5.98 27.76 15.76
N SER C 189 5.83 28.91 16.39
CA SER C 189 6.05 30.19 15.74
C SER C 189 7.22 30.89 16.40
N VAL C 190 8.05 31.56 15.62
CA VAL C 190 9.22 32.21 16.19
C VAL C 190 9.45 33.55 15.54
N VAL C 191 10.14 34.41 16.28
CA VAL C 191 10.55 35.72 15.81
C VAL C 191 11.97 35.98 16.29
N THR C 192 12.72 36.68 15.45
CA THR C 192 14.06 37.14 15.79
C THR C 192 13.93 38.62 15.97
N VAL C 193 14.53 39.11 17.05
CA VAL C 193 14.47 40.52 17.38
C VAL C 193 15.79 40.94 18.02
N PRO C 194 16.14 42.24 17.96
CA PRO C 194 17.29 42.62 18.78
C PRO C 194 16.95 42.46 20.25
N SER C 195 17.95 42.23 21.09
CA SER C 195 17.68 41.87 22.47
C SER C 195 17.69 43.14 23.29
N SER C 196 17.76 44.28 22.60
CA SER C 196 17.56 45.56 23.24
C SER C 196 16.08 45.81 23.45
N SER C 197 15.27 45.20 22.58
CA SER C 197 13.81 45.31 22.65
C SER C 197 13.15 44.41 23.73
N LEU C 198 13.92 43.53 24.36
CA LEU C 198 13.36 42.60 25.35
C LEU C 198 12.94 43.35 26.61
N GLY C 199 13.66 44.41 26.95
CA GLY C 199 13.28 45.27 28.04
C GLY C 199 12.20 46.26 27.62
N THR C 200 12.27 46.68 26.36
CA THR C 200 11.37 47.70 25.81
C THR C 200 10.02 47.15 25.37
N GLN C 201 10.04 46.37 24.28
CA GLN C 201 8.83 45.98 23.55
C GLN C 201 8.23 44.73 24.19
N THR C 202 6.90 44.70 24.33
CA THR C 202 6.23 43.60 24.99
C THR C 202 5.57 42.68 23.97
N TYR C 203 5.96 41.41 23.97
CA TYR C 203 5.65 40.52 22.84
C TYR C 203 4.48 39.60 23.07
N ILE C 204 3.46 39.79 22.25
CA ILE C 204 2.22 39.06 22.43
C ILE C 204 2.00 38.09 21.28
N CYS C 205 1.66 36.87 21.62
CA CYS C 205 1.47 35.81 20.64
C CYS C 205 -0.03 35.57 20.48
N ASN C 206 -0.52 35.72 19.26
CA ASN C 206 -1.93 35.56 18.95
C ASN C 206 -2.18 34.27 18.19
N VAL C 207 -3.02 33.41 18.76
CA VAL C 207 -3.36 32.11 18.17
C VAL C 207 -4.86 31.93 18.02
N ASN C 208 -5.33 31.71 16.80
CA ASN C 208 -6.75 31.48 16.57
C ASN C 208 -7.03 30.12 15.94
N HIS C 209 -7.75 29.26 16.67
CA HIS C 209 -8.22 27.99 16.14
C HIS C 209 -9.74 28.00 16.06
N LYS C 210 -10.27 28.18 14.85
CA LYS C 210 -11.71 28.38 14.70
C LYS C 210 -12.61 27.16 14.98
N PRO C 211 -12.21 25.93 14.56
CA PRO C 211 -13.02 24.75 14.92
C PRO C 211 -13.41 24.69 16.40
N SER C 212 -12.52 25.13 17.27
CA SER C 212 -12.78 25.09 18.69
C SER C 212 -13.34 26.41 19.15
N ASN C 213 -13.50 27.34 18.21
CA ASN C 213 -13.83 28.72 18.51
C ASN C 213 -12.92 29.25 19.60
N THR C 214 -11.64 29.18 19.33
CA THR C 214 -10.60 29.49 20.28
C THR C 214 -9.73 30.68 19.87
N LYS C 215 -9.71 31.70 20.73
CA LYS C 215 -8.82 32.84 20.57
C LYS C 215 -7.89 32.95 21.78
N VAL C 216 -6.60 33.07 21.52
CA VAL C 216 -5.67 33.05 22.62
C VAL C 216 -4.57 34.07 22.42
N ASP C 217 -4.42 34.95 23.39
CA ASP C 217 -3.30 35.85 23.34
C ASP C 217 -2.49 35.68 24.59
N LYS C 218 -1.20 35.43 24.42
CA LYS C 218 -0.37 35.22 25.60
C LYS C 218 1.03 35.73 25.29
N LYS C 219 1.68 36.20 26.35
CA LYS C 219 2.87 37.00 26.20
C LYS C 219 4.05 36.15 26.55
N VAL C 220 5.18 36.47 25.93
CA VAL C 220 6.40 35.72 26.10
C VAL C 220 7.35 36.65 26.82
N GLU C 221 7.69 36.27 28.03
CA GLU C 221 8.61 37.07 28.83
C GLU C 221 9.86 36.28 29.12
N PRO C 222 10.95 36.97 29.47
CA PRO C 222 12.22 36.25 29.62
C PRO C 222 12.32 35.54 30.96
N ILE D 1 0.88 3.88 -17.20
CA ILE D 1 1.79 4.87 -17.80
C ILE D 1 2.36 5.88 -16.81
N GLN D 2 3.56 5.62 -16.32
CA GLN D 2 4.14 6.51 -15.34
C GLN D 2 4.89 7.64 -16.03
N LEU D 3 4.65 8.84 -15.53
CA LEU D 3 5.39 10.01 -15.94
C LEU D 3 6.47 10.28 -14.88
N THR D 4 7.72 10.21 -15.32
CA THR D 4 8.85 10.51 -14.45
C THR D 4 9.40 11.89 -14.74
N GLN D 5 9.28 12.79 -13.78
CA GLN D 5 9.83 14.13 -13.89
C GLN D 5 11.28 14.23 -13.35
N SER D 6 12.18 14.84 -14.12
CA SER D 6 13.56 14.98 -13.69
C SER D 6 14.11 16.38 -13.98
N PRO D 7 14.87 16.97 -13.04
CA PRO D 7 15.20 16.47 -11.71
C PRO D 7 14.07 16.73 -10.71
N SER D 8 14.17 16.20 -9.50
CA SER D 8 13.12 16.38 -8.48
C SER D 8 13.23 17.74 -7.84
N PHE D 9 14.46 18.15 -7.56
CA PHE D 9 14.77 19.46 -7.03
C PHE D 9 15.90 20.05 -7.86
N LEU D 10 15.75 21.31 -8.18
CA LEU D 10 16.74 22.01 -8.96
C LEU D 10 17.02 23.33 -8.25
N SER D 11 18.29 23.72 -8.24
CA SER D 11 18.69 24.98 -7.69
C SER D 11 19.11 25.81 -8.87
N ALA D 12 18.62 27.03 -8.94
CA ALA D 12 18.98 27.87 -10.04
C ALA D 12 18.91 29.30 -9.59
N SER D 13 19.57 30.19 -10.31
CA SER D 13 19.58 31.59 -9.90
C SER D 13 18.90 32.44 -10.96
N VAL D 14 18.43 33.62 -10.58
CA VAL D 14 17.68 34.49 -11.50
C VAL D 14 18.48 34.79 -12.78
N GLY D 15 17.83 34.61 -13.94
CA GLY D 15 18.43 34.88 -15.23
C GLY D 15 18.99 33.65 -15.91
N ASP D 16 19.01 32.54 -15.17
CA ASP D 16 19.45 31.26 -15.74
C ASP D 16 18.45 30.68 -16.74
N LYS D 17 18.99 30.22 -17.87
CA LYS D 17 18.29 29.34 -18.80
C LYS D 17 18.24 27.93 -18.22
N VAL D 18 17.06 27.33 -18.23
CA VAL D 18 16.83 26.12 -17.44
C VAL D 18 15.89 25.18 -18.14
N THR D 19 16.19 23.89 -18.05
CA THR D 19 15.41 22.89 -18.74
C THR D 19 15.06 21.75 -17.80
N ILE D 20 13.80 21.37 -17.83
CA ILE D 20 13.22 20.35 -16.98
C ILE D 20 12.73 19.25 -17.87
N THR D 21 12.85 18.00 -17.44
CA THR D 21 12.44 16.88 -18.27
C THR D 21 11.30 16.13 -17.63
N CYS D 22 10.51 15.51 -18.49
CA CYS D 22 9.43 14.58 -18.18
C CYS D 22 9.57 13.41 -19.13
N ARG D 23 9.74 12.20 -18.61
CA ARG D 23 9.73 11.01 -19.44
C ARG D 23 8.45 10.19 -19.26
N ALA D 24 7.87 9.74 -20.37
CA ALA D 24 6.71 8.88 -20.30
C ALA D 24 7.11 7.44 -20.57
N SER D 25 6.51 6.52 -19.83
CA SER D 25 6.92 5.12 -19.90
C SER D 25 6.46 4.47 -21.20
N GLN D 26 5.70 5.22 -21.98
CA GLN D 26 5.13 4.73 -23.23
C GLN D 26 4.84 5.95 -24.06
N GLY D 27 4.76 5.79 -25.38
CA GLY D 27 4.38 6.91 -26.20
C GLY D 27 3.09 7.60 -25.75
N VAL D 28 3.16 8.91 -25.61
CA VAL D 28 1.98 9.74 -25.58
C VAL D 28 2.06 10.47 -26.92
N ARG D 29 0.92 10.79 -27.49
CA ARG D 29 0.81 11.31 -28.86
C ARG D 29 0.90 12.83 -28.79
N ASN D 30 1.71 13.29 -27.84
CA ASN D 30 1.81 14.69 -27.47
C ASN D 30 0.59 15.18 -26.74
N GLU D 31 -0.11 14.28 -26.06
CA GLU D 31 -1.16 14.76 -25.21
C GLU D 31 -0.49 14.98 -23.89
N LEU D 32 0.01 16.20 -23.76
CA LEU D 32 0.85 16.48 -22.65
C LEU D 32 0.80 17.95 -22.33
N ALA D 33 0.70 18.25 -21.04
CA ALA D 33 0.55 19.61 -20.56
C ALA D 33 1.51 19.87 -19.42
N TRP D 34 1.91 21.13 -19.28
CA TRP D 34 2.79 21.58 -18.20
C TRP D 34 2.08 22.61 -17.30
N TYR D 35 2.21 22.41 -15.98
CA TYR D 35 1.66 23.29 -14.95
C TYR D 35 2.69 23.85 -14.02
N GLN D 36 2.40 25.02 -13.50
CA GLN D 36 3.22 25.61 -12.45
C GLN D 36 2.36 25.70 -11.20
N GLN D 37 2.93 25.36 -10.05
CA GLN D 37 2.22 25.51 -8.78
C GLN D 37 3.12 26.18 -7.76
N LYS D 38 2.61 27.29 -7.23
CA LYS D 38 3.22 28.01 -6.11
C LYS D 38 2.66 27.50 -4.80
N PRO D 39 3.48 27.49 -3.74
CA PRO D 39 3.00 26.94 -2.46
C PRO D 39 1.77 27.70 -1.96
N GLY D 40 0.76 26.98 -1.50
CA GLY D 40 -0.47 27.61 -1.05
C GLY D 40 -1.53 27.83 -2.15
N LYS D 41 -1.10 27.88 -3.41
CA LYS D 41 -2.01 28.09 -4.53
C LYS D 41 -2.31 26.81 -5.36
N ALA D 42 -3.21 26.96 -6.32
CA ALA D 42 -3.53 25.91 -7.29
C ALA D 42 -2.63 25.98 -8.54
N PRO D 43 -2.51 24.85 -9.27
CA PRO D 43 -1.63 24.91 -10.44
C PRO D 43 -2.14 25.90 -11.47
N ASN D 44 -1.23 26.45 -12.29
CA ASN D 44 -1.59 27.21 -13.46
C ASN D 44 -1.22 26.37 -14.66
N LEU D 45 -2.01 26.39 -15.70
CA LEU D 45 -1.65 25.75 -16.94
C LEU D 45 -0.55 26.57 -17.65
N LEU D 46 0.51 25.91 -18.11
CA LEU D 46 1.58 26.55 -18.87
C LEU D 46 1.52 26.13 -20.33
N ILE D 47 1.59 24.82 -20.56
CA ILE D 47 1.69 24.32 -21.92
C ILE D 47 0.64 23.28 -22.16
N TYR D 48 0.02 23.28 -23.33
CA TYR D 48 -0.83 22.14 -23.69
C TYR D 48 -0.38 21.67 -25.08
N TYR D 49 -0.75 20.45 -25.50
CA TYR D 49 -0.32 19.96 -26.83
C TYR D 49 1.18 20.11 -26.97
N ALA D 50 1.95 19.22 -26.38
CA ALA D 50 3.16 19.47 -25.61
C ALA D 50 4.05 20.70 -25.86
N SER D 51 3.93 21.35 -27.00
CA SER D 51 4.62 22.61 -27.23
C SER D 51 3.82 23.89 -27.13
N THR D 52 2.53 23.83 -26.85
CA THR D 52 1.76 25.07 -27.02
C THR D 52 1.56 25.84 -25.73
N LEU D 53 1.92 27.12 -25.78
CA LEU D 53 1.81 28.00 -24.63
C LEU D 53 0.35 28.35 -24.34
N GLN D 54 -0.06 28.35 -23.07
CA GLN D 54 -1.37 28.94 -22.83
C GLN D 54 -1.29 30.46 -22.92
N SER D 55 -2.40 31.06 -23.32
CA SER D 55 -2.57 32.52 -23.28
C SER D 55 -2.25 33.06 -21.89
N GLY D 56 -1.43 34.11 -21.84
CA GLY D 56 -1.04 34.73 -20.59
C GLY D 56 0.32 34.27 -20.08
N VAL D 57 0.89 33.25 -20.71
CA VAL D 57 2.18 32.76 -20.30
C VAL D 57 3.31 33.46 -21.06
N PRO D 58 4.29 34.01 -20.31
CA PRO D 58 5.46 34.74 -20.81
C PRO D 58 6.29 33.94 -21.82
N SER D 59 6.72 34.59 -22.90
CA SER D 59 7.51 33.97 -23.98
C SER D 59 8.78 33.25 -23.53
N ARG D 60 9.29 33.61 -22.36
CA ARG D 60 10.50 32.96 -21.88
C ARG D 60 10.26 31.46 -21.60
N PHE D 61 8.99 31.07 -21.55
CA PHE D 61 8.59 29.67 -21.49
C PHE D 61 8.45 28.99 -22.85
N SER D 62 8.97 27.77 -22.92
CA SER D 62 8.98 27.00 -24.15
C SER D 62 8.87 25.54 -23.72
N ALA D 63 8.37 24.69 -24.60
CA ALA D 63 8.33 23.28 -24.30
C ALA D 63 8.43 22.54 -25.59
N THR D 64 8.98 21.34 -25.51
CA THR D 64 9.03 20.50 -26.69
C THR D 64 8.91 19.06 -26.25
N GLY D 65 8.53 18.19 -27.17
CA GLY D 65 8.55 16.79 -26.84
C GLY D 65 8.46 15.91 -28.05
N SER D 66 9.07 14.74 -27.92
CA SER D 66 9.03 13.73 -28.95
C SER D 66 8.80 12.37 -28.33
N GLY D 67 7.70 11.72 -28.70
CA GLY D 67 7.56 10.36 -28.24
C GLY D 67 7.32 10.24 -26.76
N THR D 68 8.33 9.69 -26.09
CA THR D 68 8.39 9.59 -24.63
C THR D 68 9.24 10.66 -23.90
N HIS D 69 9.89 11.57 -24.61
CA HIS D 69 10.68 12.60 -23.91
C HIS D 69 10.13 14.01 -24.09
N PHE D 70 9.90 14.69 -22.99
CA PHE D 70 9.36 16.03 -23.02
C PHE D 70 10.20 16.93 -22.14
N THR D 71 10.39 18.16 -22.58
CA THR D 71 11.21 19.13 -21.86
C THR D 71 10.46 20.46 -21.79
N LEU D 72 10.70 21.17 -20.69
CA LEU D 72 10.25 22.53 -20.46
C LEU D 72 11.42 23.44 -20.24
N THR D 73 11.44 24.55 -20.95
CA THR D 73 12.58 25.44 -20.85
C THR D 73 12.12 26.85 -20.50
N VAL D 74 12.83 27.42 -19.52
CA VAL D 74 12.76 28.84 -19.19
C VAL D 74 14.04 29.52 -19.67
N SER D 75 13.93 30.45 -20.61
CA SER D 75 15.12 31.08 -21.20
C SER D 75 15.88 31.98 -20.22
N SER D 76 15.15 32.76 -19.43
CA SER D 76 15.75 33.44 -18.28
C SER D 76 14.82 33.39 -17.08
N LEU D 77 15.27 32.73 -16.03
CA LEU D 77 14.48 32.60 -14.81
C LEU D 77 14.17 33.95 -14.14
N GLN D 78 12.91 34.19 -13.82
CA GLN D 78 12.54 35.39 -13.08
C GLN D 78 12.00 34.94 -11.72
N PRO D 79 12.07 35.82 -10.71
CA PRO D 79 11.69 35.42 -9.34
C PRO D 79 10.30 34.79 -9.25
N GLU D 80 9.35 35.30 -10.04
CA GLU D 80 8.04 34.69 -10.15
C GLU D 80 8.11 33.22 -10.54
N ASP D 81 9.18 32.82 -11.22
CA ASP D 81 9.23 31.48 -11.81
C ASP D 81 9.67 30.38 -10.84
N PHE D 82 10.01 30.71 -9.60
CA PHE D 82 10.46 29.65 -8.71
C PHE D 82 9.26 29.05 -8.02
N ALA D 83 9.02 27.80 -8.40
CA ALA D 83 7.84 27.05 -8.01
C ALA D 83 8.05 25.58 -8.33
N THR D 84 6.98 24.78 -8.22
CA THR D 84 7.04 23.40 -8.65
C THR D 84 6.36 23.26 -10.00
N TYR D 85 6.90 22.41 -10.85
CA TYR D 85 6.36 22.23 -12.18
C TYR D 85 5.92 20.80 -12.34
N PHE D 86 4.71 20.63 -12.86
CA PHE D 86 4.16 19.30 -13.07
C PHE D 86 3.87 19.06 -14.54
N CYS D 87 4.15 17.86 -15.01
CA CYS D 87 3.68 17.46 -16.32
C CYS D 87 2.51 16.55 -16.11
N GLN D 88 1.59 16.57 -17.07
CA GLN D 88 0.42 15.72 -17.02
C GLN D 88 0.22 15.17 -18.39
N HIS D 89 -0.11 13.89 -18.52
CA HIS D 89 -0.45 13.36 -19.86
C HIS D 89 -1.96 13.01 -20.02
N MET D 90 -2.52 13.32 -21.18
CA MET D 90 -3.89 12.93 -21.47
C MET D 90 -4.11 11.82 -22.49
N SER D 91 -3.07 11.15 -22.95
CA SER D 91 -3.22 10.17 -24.04
C SER D 91 -4.26 9.07 -23.74
N SER D 92 -4.43 8.71 -22.46
CA SER D 92 -5.30 7.60 -22.08
C SER D 92 -5.54 7.60 -20.56
N TYR D 93 -6.39 6.70 -20.07
CA TYR D 93 -6.78 6.70 -18.65
C TYR D 93 -5.92 5.76 -17.83
N PRO D 94 -5.55 6.17 -16.61
CA PRO D 94 -5.87 7.46 -16.02
C PRO D 94 -4.94 8.58 -16.48
N LEU D 95 -5.42 9.80 -16.39
CA LEU D 95 -4.63 10.98 -16.70
C LEU D 95 -3.65 11.16 -15.54
N THR D 96 -2.36 11.10 -15.83
CA THR D 96 -1.36 11.06 -14.79
C THR D 96 -0.56 12.36 -14.77
N PHE D 97 -0.22 12.77 -13.56
CA PHE D 97 0.68 13.87 -13.31
C PHE D 97 2.07 13.33 -13.04
N GLY D 98 3.08 14.04 -13.47
CA GLY D 98 4.41 13.73 -12.98
C GLY D 98 4.53 14.05 -11.49
N GLY D 99 5.62 13.58 -10.87
CA GLY D 99 5.86 13.80 -9.46
C GLY D 99 6.15 15.23 -9.05
N GLY D 100 6.59 16.03 -10.01
CA GLY D 100 6.98 17.40 -9.80
C GLY D 100 8.48 17.66 -9.94
N THR D 101 8.83 18.93 -10.18
CA THR D 101 10.19 19.45 -10.12
C THR D 101 10.15 20.76 -9.33
N LYS D 102 10.84 20.82 -8.20
CA LYS D 102 10.89 22.10 -7.47
C LYS D 102 12.07 22.95 -7.94
N VAL D 103 11.81 24.20 -8.32
CA VAL D 103 12.92 25.09 -8.67
C VAL D 103 13.12 26.15 -7.57
N GLU D 104 14.29 26.12 -6.94
CA GLU D 104 14.61 27.01 -5.85
C GLU D 104 15.65 28.04 -6.30
N ILE D 105 15.64 29.21 -5.68
CA ILE D 105 16.63 30.23 -5.97
C ILE D 105 17.97 29.81 -5.41
N LYS D 106 19.02 29.76 -6.22
CA LYS D 106 20.32 29.38 -5.71
C LYS D 106 20.99 30.63 -5.13
N ARG D 107 21.51 30.52 -3.93
CA ARG D 107 22.15 31.66 -3.30
C ARG D 107 23.43 31.23 -2.61
N THR D 108 24.07 32.20 -1.95
CA THR D 108 25.28 31.94 -1.20
C THR D 108 24.98 31.19 0.08
N VAL D 109 25.92 30.34 0.48
CA VAL D 109 25.81 29.58 1.71
C VAL D 109 25.73 30.50 2.94
N ALA D 110 24.86 30.15 3.88
CA ALA D 110 24.76 30.86 5.15
C ALA D 110 24.63 29.86 6.29
N ALA D 111 25.42 30.06 7.35
CA ALA D 111 25.33 29.16 8.48
C ALA D 111 24.09 29.52 9.28
N PRO D 112 23.45 28.51 9.90
CA PRO D 112 22.25 28.83 10.70
C PRO D 112 22.57 29.50 12.03
N SER D 113 21.65 30.32 12.51
CA SER D 113 21.72 30.78 13.90
C SER D 113 20.93 29.78 14.73
N VAL D 114 21.61 29.11 15.66
CA VAL D 114 20.95 28.08 16.45
C VAL D 114 20.43 28.62 17.78
N PHE D 115 19.25 28.17 18.18
CA PHE D 115 18.68 28.55 19.47
C PHE D 115 18.05 27.33 20.15
N ILE D 116 18.07 27.31 21.46
CA ILE D 116 17.39 26.24 22.20
C ILE D 116 16.47 26.83 23.28
N PHE D 117 15.25 26.30 23.31
CA PHE D 117 14.19 26.68 24.25
C PHE D 117 13.82 25.52 25.17
N PRO D 118 13.99 25.70 26.49
CA PRO D 118 13.57 24.74 27.51
C PRO D 118 12.05 24.75 27.67
N PRO D 119 11.47 23.65 28.18
CA PRO D 119 10.03 23.56 28.45
C PRO D 119 9.58 24.68 29.37
N SER D 120 8.42 25.26 29.11
CA SER D 120 7.97 26.36 29.95
C SER D 120 7.49 25.84 31.30
N ASP D 121 7.15 26.76 32.21
CA ASP D 121 6.59 26.37 33.49
C ASP D 121 5.22 25.73 33.29
N GLU D 122 4.36 26.42 32.55
CA GLU D 122 2.97 26.01 32.40
C GLU D 122 2.83 24.71 31.61
N GLN D 123 3.81 24.43 30.76
CA GLN D 123 3.77 23.20 29.99
C GLN D 123 4.11 22.03 30.90
N LEU D 124 5.06 22.25 31.80
CA LEU D 124 5.45 21.19 32.72
C LEU D 124 4.30 20.77 33.63
N LYS D 125 3.55 21.74 34.13
CA LYS D 125 2.50 21.49 35.12
C LYS D 125 1.55 20.38 34.68
N SER D 126 1.30 20.31 33.37
CA SER D 126 0.35 19.35 32.81
C SER D 126 0.91 17.95 32.60
N GLY D 127 2.23 17.78 32.80
CA GLY D 127 2.82 16.46 32.80
C GLY D 127 3.58 16.01 31.57
N THR D 128 3.92 16.95 30.69
CA THR D 128 4.67 16.64 29.47
C THR D 128 5.62 17.79 29.12
N ALA D 129 6.80 17.45 28.60
CA ALA D 129 7.83 18.48 28.37
C ALA D 129 8.35 18.48 26.94
N SER D 130 8.45 19.67 26.35
CA SER D 130 8.98 19.79 25.00
C SER D 130 10.15 20.77 24.96
N VAL D 131 11.22 20.32 24.32
CA VAL D 131 12.38 21.15 24.10
C VAL D 131 12.46 21.50 22.61
N VAL D 132 12.70 22.78 22.31
CA VAL D 132 12.63 23.22 20.92
C VAL D 132 13.99 23.73 20.48
N CYS D 133 14.39 23.36 19.27
CA CYS D 133 15.61 23.83 18.64
C CYS D 133 15.27 24.61 17.38
N LEU D 134 15.69 25.86 17.31
CA LEU D 134 15.42 26.67 16.12
C LEU D 134 16.68 26.94 15.31
N LEU D 135 16.63 26.54 14.04
CA LEU D 135 17.67 26.87 13.08
C LEU D 135 17.16 28.00 12.21
N ASN D 136 17.74 29.18 12.41
CA ASN D 136 17.25 30.35 11.72
C ASN D 136 18.13 30.74 10.55
N ASN D 137 17.44 31.06 9.45
CA ASN D 137 18.03 31.57 8.22
C ASN D 137 19.30 30.87 7.77
N PHE D 138 19.15 29.63 7.31
CA PHE D 138 20.27 28.92 6.70
C PHE D 138 20.04 28.61 5.19
N TYR D 139 21.08 28.07 4.56
CA TYR D 139 21.08 27.68 3.15
C TYR D 139 22.40 27.01 2.84
N PRO D 140 22.37 25.89 2.09
CA PRO D 140 21.17 25.26 1.51
C PRO D 140 20.29 24.54 2.53
N ARG D 141 19.23 23.90 2.05
CA ARG D 141 18.18 23.44 2.92
C ARG D 141 18.56 22.15 3.63
N GLU D 142 19.69 21.55 3.24
CA GLU D 142 20.04 20.29 3.89
C GLU D 142 20.83 20.56 5.16
N ALA D 143 20.29 20.04 6.24
CA ALA D 143 20.81 20.29 7.57
C ALA D 143 20.40 19.14 8.48
N LYS D 144 21.17 18.93 9.53
CA LYS D 144 20.95 17.79 10.39
C LYS D 144 20.92 18.19 11.88
N VAL D 145 19.83 17.85 12.54
CA VAL D 145 19.71 18.13 13.95
C VAL D 145 19.71 16.84 14.75
N GLN D 146 20.59 16.77 15.73
CA GLN D 146 20.57 15.65 16.65
C GLN D 146 20.33 16.17 18.05
N TRP D 147 19.41 15.54 18.76
CA TRP D 147 19.20 15.84 20.15
C TRP D 147 20.20 15.04 20.99
N LYS D 148 20.44 15.48 22.23
CA LYS D 148 21.21 14.69 23.19
C LYS D 148 20.48 14.92 24.52
N VAL D 149 20.14 13.86 25.25
CA VAL D 149 19.38 13.98 26.52
C VAL D 149 20.30 13.72 27.72
N ASP D 150 20.87 12.52 27.79
CA ASP D 150 22.24 12.37 28.27
C ASP D 150 23.04 12.50 26.97
N ASN D 151 24.37 12.39 26.97
CA ASN D 151 25.07 12.67 25.73
C ASN D 151 24.92 11.63 24.60
N ALA D 152 24.16 10.57 24.87
CA ALA D 152 23.63 9.70 23.80
C ALA D 152 22.20 10.12 23.43
N LEU D 153 21.53 9.33 22.58
CA LEU D 153 20.08 9.53 22.42
C LEU D 153 19.22 8.30 22.13
N GLN D 154 18.01 8.37 22.70
CA GLN D 154 16.88 7.44 22.54
C GLN D 154 16.07 7.77 21.27
N SER D 155 16.07 6.88 20.27
CA SER D 155 15.90 7.29 18.86
C SER D 155 14.83 8.36 18.49
N GLY D 156 13.55 8.02 18.62
CA GLY D 156 12.48 8.67 17.87
C GLY D 156 11.45 9.66 18.41
N ASN D 157 11.74 10.40 19.48
CA ASN D 157 10.73 11.27 20.10
C ASN D 157 10.67 12.70 19.57
N SER D 158 11.29 12.95 18.41
CA SER D 158 11.45 14.31 17.93
C SER D 158 10.83 14.48 16.55
N GLN D 159 10.45 15.73 16.24
CA GLN D 159 9.91 16.07 14.92
C GLN D 159 10.43 17.41 14.40
N GLU D 160 10.79 17.44 13.12
CA GLU D 160 11.31 18.64 12.50
C GLU D 160 10.31 19.17 11.50
N SER D 161 10.33 20.48 11.30
CA SER D 161 9.48 21.13 10.33
C SER D 161 10.26 22.29 9.69
N VAL D 162 10.20 22.43 8.37
CA VAL D 162 10.97 23.46 7.67
C VAL D 162 10.04 24.48 7.04
N THR D 163 10.46 25.74 7.01
CA THR D 163 9.71 26.78 6.31
C THR D 163 10.02 26.74 4.83
N GLU D 164 9.38 27.62 4.08
CA GLU D 164 9.63 27.73 2.65
C GLU D 164 10.89 28.56 2.45
N GLN D 165 11.31 28.74 1.20
CA GLN D 165 12.46 29.57 0.91
C GLN D 165 12.04 31.02 0.96
N ASP D 166 12.84 31.85 1.62
CA ASP D 166 12.41 33.21 1.91
C ASP D 166 12.43 34.13 0.71
N SER D 167 11.33 34.82 0.49
CA SER D 167 11.21 35.77 -0.62
C SER D 167 12.20 36.93 -0.46
N LYS D 168 12.56 37.25 0.78
CA LYS D 168 13.53 38.32 1.03
C LYS D 168 14.98 37.92 0.78
N ASP D 169 15.52 37.03 1.62
CA ASP D 169 16.91 36.59 1.53
C ASP D 169 17.18 35.21 0.86
N SER D 170 16.12 34.49 0.50
CA SER D 170 16.20 33.15 -0.07
C SER D 170 16.78 32.08 0.87
N THR D 171 16.44 32.13 2.15
CA THR D 171 16.88 31.09 3.10
C THR D 171 15.73 30.23 3.65
N TYR D 172 16.09 29.28 4.51
CA TYR D 172 15.15 28.37 5.16
C TYR D 172 15.23 28.47 6.67
N SER D 173 14.22 27.97 7.34
CA SER D 173 14.31 27.85 8.79
C SER D 173 13.75 26.51 9.23
N LEU D 174 14.30 25.99 10.34
CA LEU D 174 13.95 24.66 10.83
C LEU D 174 13.54 24.70 12.30
N SER D 175 12.44 24.03 12.61
CA SER D 175 11.99 23.87 13.99
C SER D 175 12.02 22.40 14.38
N SER D 176 12.92 22.05 15.29
CA SER D 176 12.99 20.70 15.82
C SER D 176 12.37 20.66 17.21
N THR D 177 11.53 19.68 17.47
CA THR D 177 10.90 19.58 18.77
C THR D 177 11.07 18.18 19.32
N LEU D 178 11.82 18.08 20.41
CA LEU D 178 11.93 16.84 21.15
C LEU D 178 10.90 16.82 22.29
N THR D 179 10.12 15.74 22.37
CA THR D 179 9.05 15.67 23.37
C THR D 179 9.20 14.47 24.29
N LEU D 180 9.33 14.76 25.59
CA LEU D 180 9.43 13.77 26.65
C LEU D 180 8.29 13.85 27.67
N SER D 181 8.30 12.91 28.62
CA SER D 181 7.47 13.02 29.83
C SER D 181 8.33 13.67 30.91
N LYS D 182 7.77 13.95 32.08
CA LYS D 182 8.57 14.64 33.10
C LYS D 182 9.59 13.73 33.80
N ALA D 183 9.21 12.47 33.97
CA ALA D 183 10.13 11.47 34.48
C ALA D 183 11.43 11.46 33.69
N ASP D 184 11.36 10.99 32.45
CA ASP D 184 12.53 11.00 31.57
C ASP D 184 13.02 12.40 31.31
N TYR D 185 12.15 13.41 31.42
CA TYR D 185 12.61 14.78 31.25
C TYR D 185 13.73 15.01 32.24
N GLU D 186 13.45 14.99 33.54
CA GLU D 186 14.63 14.93 34.38
C GLU D 186 14.71 13.63 35.18
N LYS D 187 15.28 12.61 34.56
CA LYS D 187 16.22 11.73 35.19
C LYS D 187 17.59 12.11 34.62
N HIS D 188 17.57 12.92 33.57
CA HIS D 188 18.75 13.15 32.74
C HIS D 188 19.34 14.56 32.69
N LYS D 189 20.51 14.74 33.29
CA LYS D 189 21.50 15.78 32.93
C LYS D 189 21.00 17.25 32.59
N VAL D 190 21.80 17.92 31.78
CA VAL D 190 21.62 19.19 31.08
C VAL D 190 21.28 18.95 29.56
N TYR D 191 20.28 19.63 28.99
CA TYR D 191 19.81 19.30 27.62
C TYR D 191 20.43 20.12 26.49
N ALA D 192 20.65 19.46 25.35
CA ALA D 192 21.39 20.04 24.22
C ALA D 192 20.98 19.47 22.87
N CYS D 193 21.27 20.22 21.81
CA CYS D 193 21.08 19.74 20.42
C CYS D 193 22.28 20.09 19.55
N GLU D 194 22.90 19.10 18.94
CA GLU D 194 23.99 19.37 18.01
C GLU D 194 23.49 19.55 16.56
N VAL D 195 23.90 20.66 15.97
CA VAL D 195 23.52 21.06 14.61
C VAL D 195 24.67 21.03 13.60
N THR D 196 24.44 20.25 12.52
CA THR D 196 25.37 20.15 11.39
C THR D 196 24.80 20.70 10.05
N HIS D 197 25.55 21.60 9.44
CA HIS D 197 25.24 22.27 8.17
C HIS D 197 26.59 22.64 7.57
N GLN D 198 26.71 22.74 6.26
CA GLN D 198 28.07 22.87 5.73
C GLN D 198 28.51 24.31 5.56
N GLY D 199 27.68 25.23 6.01
CA GLY D 199 28.05 26.64 5.98
C GLY D 199 28.83 27.08 7.20
N LEU D 200 29.02 26.15 8.13
CA LEU D 200 29.80 26.39 9.32
C LEU D 200 31.07 25.52 9.29
N SER D 201 32.14 26.01 9.91
CA SER D 201 33.43 25.31 9.96
C SER D 201 33.30 23.84 10.33
N SER D 202 32.76 23.55 11.52
CA SER D 202 32.41 22.17 11.86
C SER D 202 31.26 22.30 12.92
N PRO D 203 30.59 21.19 13.33
CA PRO D 203 29.32 21.30 14.07
C PRO D 203 29.17 22.19 15.33
N VAL D 204 28.02 22.90 15.37
CA VAL D 204 27.69 23.81 16.47
C VAL D 204 26.79 23.12 17.50
N THR D 205 27.03 23.35 18.78
CA THR D 205 26.17 22.74 19.79
C THR D 205 25.64 23.79 20.76
N LYS D 206 24.36 23.65 21.14
CA LYS D 206 23.73 24.56 22.08
C LYS D 206 23.06 23.77 23.19
N SER D 207 23.04 24.35 24.40
CA SER D 207 22.50 23.65 25.56
C SER D 207 21.99 24.54 26.71
N PHE D 208 21.40 23.90 27.72
CA PHE D 208 20.88 24.55 28.93
C PHE D 208 20.73 23.52 30.06
N ASN D 209 20.69 23.95 31.32
CA ASN D 209 20.56 22.99 32.42
C ASN D 209 19.14 22.45 32.66
N ALA D 210 19.01 21.50 33.59
CA ALA D 210 17.72 20.87 33.85
C ALA D 210 16.71 21.85 34.45
#